data_6RUA
#
_entry.id   6RUA
#
_cell.length_a   76.290
_cell.length_b   80.200
_cell.length_c   231.350
_cell.angle_alpha   90.00
_cell.angle_beta   90.00
_cell.angle_gamma   90.00
#
_symmetry.space_group_name_H-M   'P 21 21 21'
#
loop_
_entity.id
_entity.type
_entity.pdbx_description
1 polymer Cholinesterase
2 branched 2-acetamido-2-deoxy-beta-D-glucopyranose-(1-4)-2-acetamido-2-deoxy-beta-D-glucopyranose
3 branched alpha-L-fucopyranose-(1-6)-2-acetamido-2-deoxy-beta-D-glucopyranose
4 branched 2-acetamido-2-deoxy-beta-D-glucopyranose-(1-4)-[alpha-L-fucopyranose-(1-6)]2-acetamido-2-deoxy-beta-D-glucopyranose
5 branched 2-acetamido-2-deoxy-beta-D-glucopyranose-(1-4)-[beta-L-fucopyranose-(1-6)]2-acetamido-2-deoxy-beta-D-glucopyranose
6 non-polymer 2-acetamido-2-deoxy-beta-D-glucopyranose
7 non-polymer 1,2-ETHANEDIOL
8 non-polymer 'CHLORIDE ION'
9 non-polymer DI(HYDROXYETHYL)ETHER
10 non-polymer diethyl-[6-[[2-[2-[2-[naphthalen-2-ylsulfonyl-[[(3~{R})-1-(phenylmethyl)piperidin-3-yl]methyl]amino]ethoxy]ethoxy]ethylamino]-oxidanyl-methyl]-7-oxidanylidene-1,3,4,4~{a},5,6,8,8~{a}-octahydronaphthalen-2-ylidene]azanium
11 non-polymer 'TRIETHYLENE GLYCOL'
12 water water
#
_entity_poly.entity_id   1
_entity_poly.type   'polypeptide(L)'
_entity_poly.pdbx_seq_one_letter_code
;EDDIIIATKNGKVRGMNLTVFGGTVTAFLGIPYAQPPLGRLRFKKPQSLTKWSDIWNATKYANSCCQNIDQSFPGFHGSE
MWNPNTDLSEDCLYLNVWIPAPKPKNATVLIWIYGGGFQTGTSSLHVYDGKFLARVERVIVVSMNYRVGALGFLALPGNP
EAPGNMGLFDQQLALQWVQKNIAAFGGNPKSVTLFGESAGAASVSLHLLSPGSHSLFTRAILQSGSFNAPWAVTSLYEAR
NRTLNLAKLTGCSRENETEIIKCLRNKDPQEILLNEAFVVPYGTPLSVNFGPTVDGDFLTDMPDILLELGQFKKTQILVG
VNKDEGTAFLVYGAPGFSKDNNSIITRKEFQEGLKIFFPGVSEFGKESILFHYTDWVDDQRPENYREALGDVVGDYNFIC
PALEFTKKFSEWGNNAFFYYFEHRSSKLPWPEWMGVMHGYEIEFVFGLPLERRDNYTKAEEILSRSIVKRWANFAKYGNP
NETQNNSTSWPVFKSTEQKYLTLNTESTRIMTKLRAQQCRFWTSFFPKVLEMTGNIDEAEWEWKAGFHRWNNYMMDWKNQ
FNDYTSKKESCVGL
;
_entity_poly.pdbx_strand_id   A,B
#
loop_
_chem_comp.id
_chem_comp.type
_chem_comp.name
_chem_comp.formula
CL non-polymer 'CHLORIDE ION' 'Cl -1'
EDO non-polymer 1,2-ETHANEDIOL 'C2 H6 O2'
FUC L-saccharide, alpha linking alpha-L-fucopyranose 'C6 H12 O5'
FUL L-saccharide, beta linking beta-L-fucopyranose 'C6 H12 O5'
KJT non-polymer diethyl-[6-[[2-[2-[2-[naphthalen-2-ylsulfonyl-[[(3~{R})-1-(phenylmethyl)piperidin-3-yl]methyl]amino]ethoxy]ethoxy]ethylamino]-oxidanyl-methyl]-7-oxidanylidene-1,3,4,4~{a},5,6,8,8~{a}-octahydronaphthalen-2-ylidene]azanium 'C44 H63 N4 O6 S 1'
NAG D-saccharide, beta linking 2-acetamido-2-deoxy-beta-D-glucopyranose 'C8 H15 N O6'
PEG non-polymer DI(HYDROXYETHYL)ETHER 'C4 H10 O3'
PGE non-polymer 'TRIETHYLENE GLYCOL' 'C6 H14 O4'
#
# COMPACT_ATOMS: atom_id res chain seq x y z
N ASP A 3 -19.03 35.39 -13.03
CA ASP A 3 -18.22 35.84 -11.88
C ASP A 3 -17.91 34.64 -10.97
N ILE A 4 -16.74 34.68 -10.35
CA ILE A 4 -16.21 33.58 -9.54
C ILE A 4 -16.36 33.98 -8.08
N ILE A 5 -17.43 33.51 -7.42
CA ILE A 5 -17.74 33.94 -6.06
C ILE A 5 -18.18 32.73 -5.23
N ILE A 6 -17.60 32.59 -4.03
CA ILE A 6 -17.91 31.54 -3.07
C ILE A 6 -18.23 32.20 -1.74
N ALA A 7 -19.21 31.66 -1.03
CA ALA A 7 -19.74 32.25 0.20
C ALA A 7 -19.11 31.54 1.39
N THR A 8 -18.18 32.22 2.06
CA THR A 8 -17.60 31.70 3.28
C THR A 8 -18.42 32.15 4.48
N LYS A 9 -18.15 31.54 5.63
CA LYS A 9 -18.85 31.88 6.87
C LYS A 9 -18.38 33.19 7.47
N ASN A 10 -17.47 33.90 6.81
CA ASN A 10 -17.07 35.23 7.23
C ASN A 10 -17.40 36.27 6.16
N GLY A 11 -18.13 35.88 5.12
CA GLY A 11 -18.47 36.74 4.02
C GLY A 11 -18.23 36.04 2.70
N LYS A 12 -18.59 36.74 1.64
CA LYS A 12 -18.31 36.22 0.31
C LYS A 12 -16.89 36.60 -0.08
N VAL A 13 -16.32 35.82 -1.02
CA VAL A 13 -14.97 36.04 -1.51
C VAL A 13 -14.95 35.77 -3.01
N ARG A 14 -14.26 36.65 -3.76
CA ARG A 14 -14.22 36.57 -5.23
C ARG A 14 -12.88 36.01 -5.67
N GLY A 15 -12.91 35.07 -6.62
CA GLY A 15 -11.72 34.38 -7.04
C GLY A 15 -11.15 34.78 -8.39
N MET A 16 -10.58 33.82 -9.10
CA MET A 16 -9.73 34.10 -10.26
C MET A 16 -9.52 32.81 -11.05
N ASN A 17 -9.53 32.92 -12.38
CA ASN A 17 -9.37 31.77 -13.25
C ASN A 17 -7.97 31.73 -13.86
N LEU A 18 -7.39 30.53 -13.87
CA LEU A 18 -6.03 30.29 -14.36
C LEU A 18 -6.05 29.25 -15.47
N THR A 19 -5.17 29.43 -16.45
CA THR A 19 -5.02 28.47 -17.54
C THR A 19 -3.85 27.55 -17.24
N VAL A 20 -4.15 26.25 -17.09
CA VAL A 20 -3.16 25.24 -16.72
C VAL A 20 -3.40 24.04 -17.63
N PHE A 21 -2.50 23.81 -18.59
CA PHE A 21 -2.49 22.61 -19.43
C PHE A 21 -3.84 22.37 -20.10
N GLY A 22 -4.28 23.37 -20.86
CA GLY A 22 -5.55 23.26 -21.58
C GLY A 22 -6.75 23.05 -20.67
N GLY A 23 -6.78 23.73 -19.53
CA GLY A 23 -7.88 23.61 -18.61
C GLY A 23 -7.94 24.82 -17.70
N THR A 24 -8.76 24.71 -16.66
CA THR A 24 -8.98 25.84 -15.76
C THR A 24 -8.73 25.41 -14.32
N VAL A 25 -8.11 26.32 -13.56
CA VAL A 25 -7.93 26.19 -12.13
C VAL A 25 -8.46 27.47 -11.49
N THR A 26 -9.51 27.34 -10.69
CA THR A 26 -10.07 28.46 -9.92
C THR A 26 -9.20 28.73 -8.69
N ALA A 27 -8.68 29.94 -8.57
CA ALA A 27 -7.74 30.28 -7.50
C ALA A 27 -8.30 31.41 -6.64
N PHE A 28 -8.25 31.24 -5.33
CA PHE A 28 -8.55 32.29 -4.37
C PHE A 28 -7.27 32.57 -3.58
N LEU A 29 -6.58 33.66 -3.90
CA LEU A 29 -5.31 33.98 -3.28
C LEU A 29 -5.49 35.09 -2.25
N GLY A 30 -5.04 34.83 -1.02
CA GLY A 30 -5.02 35.86 0.01
C GLY A 30 -6.31 36.01 0.80
N ILE A 31 -6.98 34.89 1.08
CA ILE A 31 -8.15 34.89 1.96
C ILE A 31 -7.70 35.08 3.40
N PRO A 32 -8.20 36.06 4.13
CA PRO A 32 -7.83 36.20 5.54
C PRO A 32 -8.50 35.14 6.41
N TYR A 33 -7.75 34.63 7.38
CA TYR A 33 -8.27 33.60 8.27
C TYR A 33 -8.23 34.00 9.74
N ALA A 34 -7.77 35.21 10.05
CA ALA A 34 -7.66 35.64 11.44
C ALA A 34 -7.57 37.16 11.45
N GLN A 35 -7.87 37.72 12.62
CA GLN A 35 -7.67 39.15 12.83
C GLN A 35 -6.18 39.47 12.78
N PRO A 36 -5.79 40.54 12.10
CA PRO A 36 -4.37 40.86 11.95
C PRO A 36 -3.70 41.03 13.31
N PRO A 37 -2.63 40.25 13.59
CA PRO A 37 -1.98 40.36 14.90
C PRO A 37 -1.20 41.65 15.08
N LEU A 38 -1.91 42.79 15.05
CA LEU A 38 -1.33 44.11 15.20
C LEU A 38 -1.54 44.64 16.63
N GLY A 39 -0.72 45.62 17.00
CA GLY A 39 -0.96 46.37 18.21
C GLY A 39 -0.95 45.52 19.45
N ARG A 40 -2.09 45.48 20.15
CA ARG A 40 -2.21 44.74 21.40
C ARG A 40 -2.33 43.24 21.19
N LEU A 41 -2.51 42.80 19.94
CA LEU A 41 -2.54 41.38 19.59
C LEU A 41 -1.17 40.83 19.23
N ARG A 42 -0.14 41.66 19.24
CA ARG A 42 1.20 41.17 18.94
C ARG A 42 1.62 40.19 20.01
N PHE A 43 2.20 39.07 19.57
CA PHE A 43 2.68 37.97 20.40
C PHE A 43 1.56 37.12 21.00
N LYS A 44 0.32 37.32 20.62
CA LYS A 44 -0.79 36.52 21.13
C LYS A 44 -1.26 35.53 20.09
N LYS A 45 -2.04 34.55 20.54
CA LYS A 45 -2.61 33.58 19.63
C LYS A 45 -3.54 34.29 18.64
N PRO A 46 -3.77 33.69 17.47
CA PRO A 46 -4.64 34.34 16.49
C PRO A 46 -6.08 34.36 16.99
N GLN A 47 -6.70 35.54 16.90
CA GLN A 47 -8.10 35.71 17.28
C GLN A 47 -8.97 35.49 16.05
N SER A 48 -10.08 34.78 16.25
CA SER A 48 -10.93 34.44 15.12
C SER A 48 -11.52 35.68 14.47
N LEU A 49 -11.97 35.52 13.24
CA LEU A 49 -12.41 36.63 12.42
C LEU A 49 -13.91 36.88 12.57
N THR A 50 -14.32 38.11 12.27
CA THR A 50 -15.71 38.53 12.27
C THR A 50 -16.13 38.86 10.84
N LYS A 51 -17.38 38.55 10.48
CA LYS A 51 -17.90 38.71 9.13
C LYS A 51 -17.58 40.08 8.54
N TRP A 52 -17.36 40.11 7.23
CA TRP A 52 -17.19 41.34 6.47
C TRP A 52 -18.37 41.56 5.53
N SER A 53 -18.66 42.83 5.26
CA SER A 53 -19.87 43.17 4.51
C SER A 53 -19.72 42.87 3.02
N ASP A 54 -18.61 43.31 2.42
CA ASP A 54 -18.49 43.32 0.98
C ASP A 54 -18.12 41.97 0.41
N ILE A 55 -17.53 41.99 -0.78
CA ILE A 55 -16.91 40.83 -1.38
C ILE A 55 -15.40 41.02 -1.27
N TRP A 56 -14.73 40.12 -0.54
CA TRP A 56 -13.28 40.14 -0.50
C TRP A 56 -12.73 39.62 -1.82
N ASN A 57 -11.71 40.31 -2.33
CA ASN A 57 -11.15 39.98 -3.64
C ASN A 57 -9.87 39.17 -3.44
N ALA A 58 -10.01 37.85 -3.43
CA ALA A 58 -8.88 36.94 -3.32
C ALA A 58 -8.23 36.78 -4.69
N THR A 59 -7.62 37.88 -5.14
CA THR A 59 -7.11 37.98 -6.50
C THR A 59 -5.59 38.14 -6.60
N LYS A 60 -4.91 38.37 -5.49
CA LYS A 60 -3.45 38.43 -5.47
C LYS A 60 -2.96 37.85 -4.15
N TYR A 61 -1.67 37.48 -4.12
CA TYR A 61 -1.07 37.01 -2.88
C TYR A 61 -1.06 38.14 -1.85
N ALA A 62 -1.14 37.75 -0.57
CA ALA A 62 -1.15 38.73 0.50
C ALA A 62 0.27 39.00 1.00
N ASN A 63 0.36 39.87 2.01
CA ASN A 63 1.64 40.21 2.61
C ASN A 63 2.26 39.00 3.29
N SER A 64 3.58 38.89 3.21
CA SER A 64 4.32 37.89 3.94
C SER A 64 4.66 38.40 5.33
N CYS A 65 4.64 37.50 6.32
CA CYS A 65 4.92 37.91 7.69
C CYS A 65 6.33 38.43 7.83
N CYS A 66 6.53 39.29 8.83
CA CYS A 66 7.81 39.96 9.01
C CYS A 66 8.91 38.94 9.28
N GLN A 67 10.06 39.18 8.66
CA GLN A 67 11.16 38.23 8.67
C GLN A 67 12.40 38.92 8.11
N ASN A 68 13.56 38.45 8.56
CA ASN A 68 14.79 38.89 7.91
C ASN A 68 14.97 38.18 6.58
N ILE A 69 15.79 38.78 5.72
CA ILE A 69 16.01 38.32 4.35
C ILE A 69 17.40 37.69 4.26
N ASP A 70 17.57 36.79 3.30
CA ASP A 70 18.85 36.12 3.07
C ASP A 70 19.55 36.85 1.92
N GLN A 71 20.50 37.73 2.27
CA GLN A 71 21.21 38.52 1.28
C GLN A 71 22.68 38.11 1.15
N SER A 72 22.97 36.83 1.41
CA SER A 72 24.34 36.36 1.30
C SER A 72 24.84 36.40 -0.13
N PHE A 73 23.94 36.28 -1.10
CA PHE A 73 24.31 36.21 -2.51
C PHE A 73 23.32 37.02 -3.33
N PRO A 74 23.48 38.35 -3.37
CA PRO A 74 22.53 39.19 -4.12
C PRO A 74 22.50 38.83 -5.60
N GLY A 75 21.30 38.90 -6.18
CA GLY A 75 21.07 38.50 -7.56
C GLY A 75 21.08 37.01 -7.83
N PHE A 76 21.62 36.21 -6.91
CA PHE A 76 21.64 34.76 -7.09
C PHE A 76 20.24 34.18 -6.98
N HIS A 77 19.80 33.45 -8.00
CA HIS A 77 18.50 32.79 -7.93
C HIS A 77 18.48 31.68 -6.89
N GLY A 78 19.63 31.08 -6.60
CA GLY A 78 19.68 29.98 -5.66
C GLY A 78 19.29 30.37 -4.24
N SER A 79 19.63 31.59 -3.82
CA SER A 79 19.32 32.06 -2.48
C SER A 79 18.08 32.94 -2.44
N GLU A 80 17.76 33.64 -3.52
CA GLU A 80 16.68 34.61 -3.54
C GLU A 80 15.33 33.99 -3.89
N MET A 81 15.31 32.80 -4.48
CA MET A 81 14.05 32.12 -4.71
C MET A 81 13.33 31.81 -3.40
N TRP A 82 14.05 31.84 -2.29
CA TRP A 82 13.45 31.58 -0.99
C TRP A 82 13.01 32.84 -0.27
N ASN A 83 13.51 34.01 -0.71
CA ASN A 83 13.14 35.27 -0.10
C ASN A 83 11.70 35.64 -0.47
N PRO A 84 11.01 36.37 0.40
CA PRO A 84 9.59 36.64 0.16
C PRO A 84 9.39 37.51 -1.06
N ASN A 85 8.39 37.14 -1.87
CA ASN A 85 8.04 37.82 -3.10
C ASN A 85 6.81 38.71 -2.95
N THR A 86 6.45 39.09 -1.74
CA THR A 86 5.42 40.09 -1.51
C THR A 86 5.92 41.02 -0.41
N ASP A 87 5.15 42.07 -0.17
CA ASP A 87 5.53 43.04 0.85
C ASP A 87 5.45 42.42 2.24
N LEU A 88 6.31 42.88 3.14
CA LEU A 88 6.32 42.38 4.53
C LEU A 88 5.44 43.25 5.42
N SER A 89 4.70 42.60 6.31
CA SER A 89 3.84 43.29 7.26
C SER A 89 3.44 42.34 8.37
N GLU A 90 3.18 42.90 9.56
CA GLU A 90 2.59 42.10 10.64
C GLU A 90 1.20 41.60 10.26
N ASP A 91 0.50 42.34 9.39
CA ASP A 91 -0.79 41.95 8.82
C ASP A 91 -0.53 40.94 7.73
N CYS A 92 -0.52 39.65 8.12
CA CYS A 92 -0.09 38.61 7.18
C CYS A 92 -0.86 37.29 7.30
N LEU A 93 -1.94 37.22 8.08
CA LEU A 93 -2.60 35.94 8.30
C LEU A 93 -3.67 35.76 7.23
N TYR A 94 -3.21 35.38 6.05
CA TYR A 94 -4.05 35.08 4.90
C TYR A 94 -3.72 33.69 4.38
N LEU A 95 -4.64 33.11 3.61
CA LEU A 95 -4.44 31.79 3.03
C LEU A 95 -4.91 31.79 1.58
N ASN A 96 -4.45 30.80 0.82
CA ASN A 96 -4.79 30.64 -0.59
C ASN A 96 -5.44 29.29 -0.83
N VAL A 97 -6.27 29.20 -1.88
CA VAL A 97 -7.01 27.98 -2.21
C VAL A 97 -7.02 27.80 -3.72
N TRP A 98 -6.57 26.63 -4.20
CA TRP A 98 -6.62 26.26 -5.61
C TRP A 98 -7.63 25.13 -5.79
N ILE A 99 -8.68 25.39 -6.55
CA ILE A 99 -9.74 24.40 -6.79
C ILE A 99 -9.68 23.96 -8.24
N PRO A 100 -9.81 22.67 -8.55
CA PRO A 100 -9.86 22.25 -9.95
C PRO A 100 -11.17 22.63 -10.62
N ALA A 101 -11.11 22.88 -11.93
CA ALA A 101 -12.30 23.21 -12.70
C ALA A 101 -12.57 22.12 -13.72
N PRO A 102 -13.82 21.63 -13.84
CA PRO A 102 -15.03 22.09 -13.15
C PRO A 102 -15.04 21.79 -11.64
N LYS A 103 -15.84 22.54 -10.88
CA LYS A 103 -15.83 22.44 -9.43
C LYS A 103 -16.09 21.01 -8.99
N PRO A 104 -15.29 20.45 -8.07
CA PRO A 104 -15.50 19.08 -7.63
C PRO A 104 -16.60 19.00 -6.58
N LYS A 105 -17.15 17.79 -6.44
CA LYS A 105 -18.22 17.55 -5.49
C LYS A 105 -17.72 17.29 -4.07
N ASN A 106 -16.52 16.71 -3.93
CA ASN A 106 -16.02 16.31 -2.61
C ASN A 106 -14.53 16.00 -2.65
N ALA A 107 -13.72 16.94 -3.11
CA ALA A 107 -12.32 16.66 -3.38
C ALA A 107 -11.51 16.50 -2.10
N THR A 108 -10.45 15.72 -2.20
CA THR A 108 -9.45 15.66 -1.16
C THR A 108 -8.65 16.96 -1.13
N VAL A 109 -8.30 17.41 0.07
CA VAL A 109 -7.61 18.67 0.27
C VAL A 109 -6.17 18.39 0.69
N LEU A 110 -5.22 19.05 0.01
CA LEU A 110 -3.81 19.07 0.42
C LEU A 110 -3.49 20.44 0.99
N ILE A 111 -2.99 20.48 2.23
CA ILE A 111 -2.69 21.73 2.94
C ILE A 111 -1.17 21.80 3.16
N TRP A 112 -0.54 22.86 2.65
CA TRP A 112 0.91 23.00 2.63
C TRP A 112 1.38 23.95 3.71
N ILE A 113 2.31 23.48 4.55
CA ILE A 113 2.99 24.30 5.54
C ILE A 113 4.44 24.46 5.09
N TYR A 114 4.80 25.68 4.68
CA TYR A 114 6.17 25.94 4.25
C TYR A 114 7.13 25.91 5.45
N GLY A 115 8.42 25.76 5.14
CA GLY A 115 9.47 25.84 6.11
C GLY A 115 10.25 27.13 6.01
N GLY A 116 11.42 27.13 6.64
CA GLY A 116 12.26 28.32 6.70
C GLY A 116 12.85 28.52 8.08
N GLY A 117 13.06 27.41 8.80
CA GLY A 117 13.68 27.48 10.11
C GLY A 117 12.86 28.20 11.16
N PHE A 118 11.55 28.31 10.97
CA PHE A 118 10.64 29.06 11.84
C PHE A 118 10.98 30.55 11.92
N GLN A 119 11.89 31.04 11.07
CA GLN A 119 12.24 32.46 11.02
C GLN A 119 11.93 33.13 9.69
N THR A 120 11.74 32.36 8.62
CA THR A 120 11.47 32.91 7.29
C THR A 120 10.42 32.05 6.60
N GLY A 121 10.01 32.46 5.40
CA GLY A 121 9.10 31.67 4.62
C GLY A 121 7.81 32.37 4.28
N THR A 122 7.16 31.95 3.19
CA THR A 122 5.87 32.50 2.77
C THR A 122 5.23 31.54 1.78
N SER A 123 3.90 31.50 1.79
CA SER A 123 3.17 30.57 0.95
C SER A 123 3.06 31.03 -0.51
N SER A 124 3.56 32.22 -0.84
CA SER A 124 3.39 32.82 -2.16
C SER A 124 4.56 32.59 -3.11
N LEU A 125 5.57 31.81 -2.70
CA LEU A 125 6.72 31.55 -3.56
C LEU A 125 6.32 30.73 -4.78
N HIS A 126 7.12 30.87 -5.86
CA HIS A 126 6.80 30.21 -7.12
C HIS A 126 6.77 28.69 -6.98
N VAL A 127 7.61 28.14 -6.10
CA VAL A 127 7.71 26.68 -5.99
C VAL A 127 6.60 26.06 -5.15
N TYR A 128 5.78 26.86 -4.48
CA TYR A 128 4.59 26.35 -3.78
C TYR A 128 3.29 26.66 -4.54
N ASP A 129 3.33 26.72 -5.87
CA ASP A 129 2.15 27.01 -6.67
C ASP A 129 1.28 25.76 -6.78
N GLY A 130 0.12 25.78 -6.12
CA GLY A 130 -0.76 24.63 -6.10
C GLY A 130 -1.62 24.40 -7.31
N LYS A 131 -1.43 25.17 -8.40
CA LYS A 131 -2.32 25.04 -9.55
C LYS A 131 -2.08 23.72 -10.29
N PHE A 132 -0.81 23.28 -10.38
CA PHE A 132 -0.53 22.04 -11.11
C PHE A 132 -1.13 20.83 -10.40
N LEU A 133 -1.02 20.78 -9.07
CA LEU A 133 -1.64 19.68 -8.32
C LEU A 133 -3.15 19.68 -8.54
N ALA A 134 -3.78 20.84 -8.42
CA ALA A 134 -5.23 20.91 -8.64
C ALA A 134 -5.61 20.45 -10.04
N ARG A 135 -4.86 20.90 -11.05
CA ARG A 135 -5.19 20.57 -12.44
C ARG A 135 -4.96 19.10 -12.73
N VAL A 136 -3.81 18.57 -12.32
CA VAL A 136 -3.37 17.26 -12.77
C VAL A 136 -4.02 16.14 -11.97
N GLU A 137 -4.33 16.37 -10.69
CA GLU A 137 -4.78 15.33 -9.78
C GLU A 137 -6.15 15.59 -9.17
N ARG A 138 -6.76 16.74 -9.45
CA ARG A 138 -8.13 17.04 -9.02
CA ARG A 138 -8.12 17.09 -9.02
C ARG A 138 -8.24 17.13 -7.49
N VAL A 139 -7.25 17.75 -6.86
CA VAL A 139 -7.27 17.99 -5.42
C VAL A 139 -7.38 19.49 -5.19
N ILE A 140 -7.94 19.85 -4.04
CA ILE A 140 -7.89 21.23 -3.57
C ILE A 140 -6.58 21.42 -2.82
N VAL A 141 -5.84 22.46 -3.17
CA VAL A 141 -4.57 22.77 -2.55
C VAL A 141 -4.71 24.08 -1.78
N VAL A 142 -4.29 24.06 -0.51
CA VAL A 142 -4.42 25.17 0.41
C VAL A 142 -3.06 25.46 1.04
N SER A 143 -2.72 26.74 1.18
CA SER A 143 -1.53 27.13 1.93
C SER A 143 -1.83 28.37 2.77
N MET A 144 -1.06 28.58 3.82
CA MET A 144 -1.32 29.68 4.74
C MET A 144 -0.02 30.33 5.16
N ASN A 145 -0.08 31.65 5.39
CA ASN A 145 1.02 32.39 5.99
C ASN A 145 0.87 32.33 7.50
N TYR A 146 2.00 32.09 8.19
CA TYR A 146 1.98 32.03 9.65
C TYR A 146 3.17 32.81 10.19
N ARG A 147 2.97 33.42 11.35
CA ARG A 147 4.00 34.27 11.94
C ARG A 147 5.26 33.47 12.24
N VAL A 148 6.38 33.97 11.70
CA VAL A 148 7.70 33.37 11.94
C VAL A 148 8.50 34.33 12.82
N GLY A 149 9.65 33.85 13.29
CA GLY A 149 10.51 34.67 14.13
C GLY A 149 9.89 34.94 15.50
N ALA A 150 10.47 35.92 16.20
CA ALA A 150 10.02 36.24 17.56
C ALA A 150 8.54 36.63 17.57
N LEU A 151 8.08 37.32 16.54
CA LEU A 151 6.66 37.64 16.44
C LEU A 151 5.80 36.39 16.31
N GLY A 152 6.39 35.23 16.03
CA GLY A 152 5.65 33.99 15.92
C GLY A 152 5.87 33.03 17.07
N PHE A 153 7.05 33.08 17.70
CA PHE A 153 7.43 32.07 18.68
C PHE A 153 8.05 32.61 19.96
N LEU A 154 7.99 33.93 20.22
CA LEU A 154 8.42 34.46 21.51
C LEU A 154 7.64 33.79 22.64
N ALA A 155 8.34 33.44 23.72
CA ALA A 155 7.75 32.60 24.75
C ALA A 155 8.00 33.19 26.13
N LEU A 156 6.90 33.54 26.82
CA LEU A 156 6.85 33.65 28.27
C LEU A 156 5.84 32.60 28.69
N PRO A 157 6.28 31.37 28.94
CA PRO A 157 5.34 30.24 29.08
C PRO A 157 4.32 30.46 30.18
N GLY A 158 3.05 30.21 29.85
CA GLY A 158 1.95 30.38 30.78
C GLY A 158 1.30 31.75 30.75
N ASN A 159 1.98 32.75 30.18
CA ASN A 159 1.48 34.11 30.13
C ASN A 159 0.70 34.32 28.82
N PRO A 160 -0.61 34.57 28.87
CA PRO A 160 -1.37 34.68 27.61
C PRO A 160 -0.94 35.82 26.73
N GLU A 161 -0.18 36.79 27.25
CA GLU A 161 0.24 37.94 26.45
C GLU A 161 1.36 37.59 25.50
N ALA A 162 2.07 36.49 25.75
CA ALA A 162 3.10 35.93 24.88
C ALA A 162 3.41 34.50 25.31
N PRO A 163 2.57 33.53 24.93
CA PRO A 163 2.67 32.19 25.51
C PRO A 163 3.55 31.20 24.76
N GLY A 164 4.00 31.55 23.55
CA GLY A 164 4.73 30.62 22.73
C GLY A 164 3.82 29.92 21.72
N ASN A 165 4.45 29.44 20.65
CA ASN A 165 3.83 28.61 19.62
C ASN A 165 2.73 29.32 18.84
N MET A 166 2.77 30.65 18.76
CA MET A 166 1.71 31.38 18.07
C MET A 166 1.64 31.01 16.60
N GLY A 167 2.80 30.97 15.91
CA GLY A 167 2.82 30.55 14.51
C GLY A 167 2.27 29.16 14.29
N LEU A 168 2.49 28.26 15.26
CA LEU A 168 1.84 26.94 15.20
C LEU A 168 0.33 27.04 15.37
N PHE A 169 -0.14 27.94 16.25
CA PHE A 169 -1.58 28.17 16.36
C PHE A 169 -2.12 28.88 15.13
N ASP A 170 -1.33 29.78 14.54
CA ASP A 170 -1.66 30.34 13.24
C ASP A 170 -1.98 29.25 12.25
N GLN A 171 -1.07 28.29 12.06
CA GLN A 171 -1.33 27.16 11.19
C GLN A 171 -2.63 26.47 11.57
N GLN A 172 -2.79 26.17 12.86
CA GLN A 172 -3.97 25.43 13.32
C GLN A 172 -5.27 26.18 13.02
N LEU A 173 -5.27 27.51 13.16
CA LEU A 173 -6.48 28.27 12.83
C LEU A 173 -6.80 28.19 11.35
N ALA A 174 -5.77 28.12 10.49
CA ALA A 174 -6.03 27.90 9.07
C ALA A 174 -6.67 26.54 8.85
N LEU A 175 -6.27 25.54 9.64
CA LEU A 175 -6.89 24.22 9.53
C LEU A 175 -8.33 24.25 10.03
N GLN A 176 -8.63 25.14 10.98
CA GLN A 176 -10.01 25.33 11.44
C GLN A 176 -10.86 25.95 10.33
N TRP A 177 -10.29 26.92 9.60
CA TRP A 177 -10.98 27.50 8.47
C TRP A 177 -11.33 26.44 7.43
N VAL A 178 -10.35 25.60 7.04
CA VAL A 178 -10.60 24.58 6.03
C VAL A 178 -11.73 23.65 6.47
N GLN A 179 -11.74 23.28 7.75
CA GLN A 179 -12.84 22.46 8.28
C GLN A 179 -14.18 23.18 8.15
N LYS A 180 -14.21 24.47 8.48
CA LYS A 180 -15.46 25.21 8.50
C LYS A 180 -15.92 25.65 7.11
N ASN A 181 -15.01 25.73 6.12
CA ASN A 181 -15.30 26.41 4.87
C ASN A 181 -15.03 25.62 3.59
N ILE A 182 -14.25 24.53 3.62
CA ILE A 182 -13.75 24.01 2.35
C ILE A 182 -14.85 23.31 1.57
N ALA A 183 -15.87 22.77 2.26
CA ALA A 183 -16.99 22.15 1.55
C ALA A 183 -17.63 23.12 0.56
N ALA A 184 -17.66 24.42 0.90
CA ALA A 184 -18.25 25.42 0.02
C ALA A 184 -17.49 25.53 -1.29
N PHE A 185 -16.20 25.19 -1.31
CA PHE A 185 -15.41 25.24 -2.54
C PHE A 185 -15.38 23.92 -3.29
N GLY A 186 -15.92 22.86 -2.71
CA GLY A 186 -15.89 21.54 -3.31
C GLY A 186 -15.02 20.52 -2.62
N GLY A 187 -14.50 20.82 -1.43
CA GLY A 187 -13.58 19.96 -0.73
C GLY A 187 -14.23 19.12 0.34
N ASN A 188 -13.61 17.98 0.64
CA ASN A 188 -14.09 17.10 1.69
C ASN A 188 -13.33 17.41 2.98
N PRO A 189 -13.95 18.05 3.97
CA PRO A 189 -13.29 18.23 5.27
C PRO A 189 -12.85 16.93 5.93
N LYS A 190 -13.34 15.77 5.48
CA LYS A 190 -12.96 14.50 6.06
C LYS A 190 -11.84 13.81 5.29
N SER A 191 -11.29 14.45 4.27
CA SER A 191 -10.13 13.96 3.53
C SER A 191 -9.17 15.14 3.39
N VAL A 192 -8.43 15.41 4.46
CA VAL A 192 -7.47 16.52 4.51
C VAL A 192 -6.10 15.94 4.82
N THR A 193 -5.11 16.26 3.99
CA THR A 193 -3.72 15.85 4.20
C THR A 193 -2.85 17.08 4.40
N LEU A 194 -2.17 17.16 5.55
CA LEU A 194 -1.12 18.14 5.73
C LEU A 194 0.16 17.65 5.08
N PHE A 195 0.89 18.56 4.43
CA PHE A 195 2.23 18.26 3.97
C PHE A 195 3.06 19.53 4.07
N GLY A 196 4.37 19.37 4.18
CA GLY A 196 5.24 20.51 4.33
C GLY A 196 6.69 20.05 4.35
N GLU A 197 7.58 21.03 4.27
CA GLU A 197 9.01 20.76 4.10
C GLU A 197 9.81 21.47 5.18
N SER A 198 10.77 20.76 5.77
CA SER A 198 11.75 21.30 6.73
C SER A 198 11.00 21.75 7.98
N ALA A 199 11.09 23.01 8.41
CA ALA A 199 10.33 23.44 9.58
C ALA A 199 8.83 23.28 9.37
N GLY A 200 8.39 23.21 8.11
CA GLY A 200 7.01 22.86 7.83
C GLY A 200 6.72 21.39 8.02
N ALA A 201 7.72 20.53 7.79
CA ALA A 201 7.56 19.12 8.09
C ALA A 201 7.63 18.87 9.59
N ALA A 202 8.50 19.62 10.29
CA ALA A 202 8.49 19.56 11.74
C ALA A 202 7.15 20.05 12.30
N SER A 203 6.56 21.06 11.66
CA SER A 203 5.25 21.55 12.10
C SER A 203 4.18 20.48 11.89
N VAL A 204 4.21 19.82 10.74
CA VAL A 204 3.24 18.75 10.46
C VAL A 204 3.33 17.67 11.54
N SER A 205 4.55 17.23 11.86
CA SER A 205 4.68 16.20 12.89
C SER A 205 4.22 16.69 14.25
N LEU A 206 4.29 18.01 14.51
CA LEU A 206 3.80 18.54 15.78
C LEU A 206 2.28 18.59 15.81
N HIS A 207 1.62 18.80 14.67
CA HIS A 207 0.17 18.69 14.63
C HIS A 207 -0.31 17.27 14.90
N LEU A 208 0.54 16.27 14.65
CA LEU A 208 0.22 14.90 15.01
C LEU A 208 0.20 14.70 16.52
N LEU A 209 1.01 15.44 17.27
CA LEU A 209 1.06 15.28 18.72
C LEU A 209 0.00 16.10 19.42
N SER A 210 -0.33 17.26 18.89
CA SER A 210 -1.18 18.22 19.60
C SER A 210 -2.65 17.82 19.48
N PRO A 211 -3.35 17.56 20.58
CA PRO A 211 -4.76 17.17 20.48
C PRO A 211 -5.63 18.20 19.78
N GLY A 212 -5.34 19.50 19.90
CA GLY A 212 -6.17 20.51 19.26
C GLY A 212 -6.23 20.37 17.75
N SER A 213 -5.20 19.76 17.16
CA SER A 213 -5.13 19.57 15.72
C SER A 213 -5.72 18.24 15.27
N HIS A 214 -5.96 17.33 16.22
CA HIS A 214 -6.27 15.95 15.83
CA HIS A 214 -6.32 15.94 15.90
C HIS A 214 -7.50 15.87 14.93
N SER A 215 -8.58 16.58 15.25
CA SER A 215 -9.77 16.51 14.44
C SER A 215 -9.71 17.35 13.17
N LEU A 216 -8.58 18.01 12.86
CA LEU A 216 -8.51 18.99 11.78
C LEU A 216 -7.82 18.49 10.52
N PHE A 217 -7.35 17.23 10.49
CA PHE A 217 -6.72 16.67 9.30
C PHE A 217 -6.78 15.15 9.39
N THR A 218 -6.50 14.49 8.26
CA THR A 218 -6.59 13.04 8.14
C THR A 218 -5.23 12.35 8.14
N ARG A 219 -4.31 12.79 7.26
CA ARG A 219 -3.02 12.14 7.10
C ARG A 219 -1.94 13.21 6.97
N ALA A 220 -0.67 12.80 7.11
CA ALA A 220 0.47 13.73 7.12
C ALA A 220 1.57 13.30 6.15
N ILE A 221 2.26 14.29 5.57
CA ILE A 221 3.44 14.10 4.71
C ILE A 221 4.57 14.99 5.19
N LEU A 222 5.72 14.39 5.52
CA LEU A 222 6.84 15.10 6.13
C LEU A 222 8.06 15.00 5.22
N GLN A 223 8.44 16.11 4.62
CA GLN A 223 9.54 16.19 3.67
C GLN A 223 10.70 16.91 4.37
N SER A 224 11.80 16.18 4.60
CA SER A 224 13.02 16.77 5.15
C SER A 224 12.77 17.45 6.50
N GLY A 225 12.06 16.76 7.40
CA GLY A 225 11.89 17.31 8.73
C GLY A 225 10.95 16.57 9.65
N SER A 226 11.22 16.63 10.95
CA SER A 226 10.34 16.09 11.99
C SER A 226 10.74 16.70 13.32
N PHE A 227 9.86 16.59 14.33
CA PHE A 227 10.08 17.30 15.58
C PHE A 227 11.30 16.79 16.33
N ASN A 228 11.71 15.53 16.11
CA ASN A 228 12.82 15.00 16.89
C ASN A 228 14.17 15.41 16.32
N ALA A 229 14.18 16.29 15.31
CA ALA A 229 15.40 16.85 14.78
C ALA A 229 16.07 17.72 15.84
N PRO A 230 17.40 17.85 15.81
CA PRO A 230 18.07 18.59 16.88
C PRO A 230 17.69 20.05 16.92
N TRP A 231 17.15 20.59 15.83
CA TRP A 231 16.84 22.01 15.72
C TRP A 231 15.37 22.35 15.92
N ALA A 232 14.50 21.35 16.08
CA ALA A 232 13.07 21.61 15.94
C ALA A 232 12.49 22.29 17.18
N VAL A 233 12.77 21.77 18.38
CA VAL A 233 12.05 22.19 19.60
C VAL A 233 13.02 22.72 20.65
N THR A 234 12.75 23.94 21.11
CA THR A 234 13.50 24.55 22.21
C THR A 234 12.93 24.08 23.55
N SER A 235 13.82 23.78 24.49
CA SER A 235 13.36 23.40 25.82
C SER A 235 12.65 24.57 26.50
N LEU A 236 11.62 24.24 27.27
CA LEU A 236 10.83 25.16 28.10
C LEU A 236 11.55 26.42 28.54
N TYR A 237 12.72 26.26 29.15
CA TYR A 237 13.39 27.37 29.81
C TYR A 237 14.50 28.00 28.98
N GLU A 238 14.93 27.34 27.91
CA GLU A 238 15.82 28.02 26.98
C GLU A 238 15.06 29.08 26.19
N ALA A 239 13.79 28.80 25.90
CA ALA A 239 12.96 29.75 25.16
C ALA A 239 12.73 31.01 25.98
N ARG A 240 12.37 30.84 27.26
CA ARG A 240 12.17 31.96 28.16
C ARG A 240 13.44 32.79 28.30
N ASN A 241 14.61 32.12 28.32
CA ASN A 241 15.85 32.85 28.49
C ASN A 241 16.25 33.62 27.23
N ARG A 242 15.83 33.15 26.07
CA ARG A 242 16.05 33.93 24.85
C ARG A 242 15.09 35.10 24.76
N THR A 243 13.90 34.97 25.35
CA THR A 243 12.97 36.09 25.42
C THR A 243 13.54 37.22 26.27
N LEU A 244 14.15 36.87 27.41
CA LEU A 244 14.75 37.87 28.28
C LEU A 244 15.94 38.55 27.61
N ASN A 245 16.77 37.78 26.90
CA ASN A 245 17.91 38.40 26.22
C ASN A 245 17.45 39.37 25.14
N LEU A 246 16.30 39.10 24.51
CA LEU A 246 15.77 40.01 23.50
C LEU A 246 15.26 41.31 24.15
N ALA A 247 14.56 41.20 25.29
CA ALA A 247 14.17 42.39 26.03
C ALA A 247 15.38 43.25 26.37
N LYS A 248 16.41 42.64 26.95
CA LYS A 248 17.65 43.36 27.24
C LYS A 248 18.24 44.01 25.99
N LEU A 249 18.23 43.28 24.87
CA LEU A 249 18.83 43.80 23.65
C LEU A 249 18.07 44.97 23.05
N THR A 250 16.80 45.14 23.40
CA THR A 250 16.00 46.24 22.86
C THR A 250 15.68 47.31 23.89
N GLY A 251 16.03 47.10 25.16
CA GLY A 251 15.74 48.09 26.17
C GLY A 251 14.35 47.90 26.74
N CYS A 252 13.99 46.65 27.00
CA CYS A 252 12.65 46.30 27.48
C CYS A 252 12.68 45.41 28.71
N SER A 253 13.82 45.34 29.41
CA SER A 253 13.91 44.54 30.63
C SER A 253 13.10 45.20 31.73
N ARG A 254 12.07 44.51 32.20
CA ARG A 254 11.19 45.01 33.25
C ARG A 254 11.10 43.99 34.38
N GLU A 255 10.27 44.31 35.37
CA GLU A 255 10.14 43.47 36.56
C GLU A 255 9.10 42.37 36.36
N ASN A 256 7.86 42.75 36.14
CA ASN A 256 6.83 41.77 35.80
C ASN A 256 6.79 41.55 34.29
N GLU A 257 6.45 40.32 33.90
CA GLU A 257 6.54 39.93 32.50
C GLU A 257 5.62 40.76 31.62
N THR A 258 4.41 41.04 32.08
CA THR A 258 3.47 41.79 31.27
C THR A 258 4.00 43.18 30.92
N GLU A 259 4.94 43.72 31.71
CA GLU A 259 5.56 44.99 31.36
C GLU A 259 6.63 44.81 30.29
N ILE A 260 7.31 43.67 30.27
CA ILE A 260 8.24 43.36 29.19
C ILE A 260 7.49 43.26 27.87
N ILE A 261 6.35 42.57 27.86
CA ILE A 261 5.58 42.40 26.64
C ILE A 261 4.99 43.74 26.18
N LYS A 262 4.48 44.52 27.14
CA LYS A 262 3.98 45.86 26.84
C LYS A 262 5.06 46.72 26.21
N CYS A 263 6.31 46.56 26.68
CA CYS A 263 7.42 47.30 26.09
C CYS A 263 7.75 46.81 24.69
N LEU A 264 7.83 45.48 24.51
CA LEU A 264 8.18 44.91 23.21
C LEU A 264 7.14 45.25 22.14
N ARG A 265 5.89 45.46 22.55
CA ARG A 265 4.85 45.82 21.62
C ARG A 265 5.01 47.22 21.05
N ASN A 266 5.76 48.10 21.72
CA ASN A 266 5.96 49.44 21.19
C ASN A 266 7.20 49.56 20.30
N LYS A 267 8.00 48.51 20.19
CA LYS A 267 9.15 48.51 19.29
C LYS A 267 8.69 48.30 17.85
N ASP A 268 9.48 48.82 16.91
CA ASP A 268 9.20 48.56 15.51
C ASP A 268 9.50 47.09 15.19
N PRO A 269 8.79 46.51 14.22
CA PRO A 269 9.15 45.17 13.77
C PRO A 269 10.63 45.03 13.45
N GLN A 270 11.22 46.02 12.78
CA GLN A 270 12.60 45.88 12.32
C GLN A 270 13.60 45.99 13.45
N GLU A 271 13.25 46.68 14.54
CA GLU A 271 14.15 46.69 15.68
C GLU A 271 14.08 45.38 16.47
N ILE A 272 13.04 44.58 16.25
CA ILE A 272 12.97 43.25 16.84
C ILE A 272 13.74 42.25 15.98
N LEU A 273 13.53 42.31 14.66
CA LEU A 273 14.22 41.40 13.74
C LEU A 273 15.73 41.58 13.81
N LEU A 274 16.20 42.82 13.96
CA LEU A 274 17.64 43.07 13.97
C LEU A 274 18.32 42.56 15.24
N ASN A 275 17.57 42.11 16.24
CA ASN A 275 18.15 41.59 17.47
C ASN A 275 17.96 40.09 17.65
N GLU A 276 17.26 39.43 16.75
CA GLU A 276 16.94 38.02 16.95
C GLU A 276 18.18 37.15 16.88
N ALA A 277 19.14 37.52 16.04
CA ALA A 277 20.33 36.68 15.85
C ALA A 277 21.17 36.59 17.12
N PHE A 278 21.07 37.58 17.99
CA PHE A 278 21.95 37.71 19.13
C PHE A 278 21.45 37.01 20.39
N VAL A 279 20.22 36.48 20.39
CA VAL A 279 19.70 35.89 21.62
C VAL A 279 20.38 34.58 21.99
N VAL A 280 21.11 33.97 21.06
CA VAL A 280 21.82 32.72 21.31
C VAL A 280 23.31 33.03 21.22
N PRO A 281 24.15 32.49 22.13
CA PRO A 281 25.54 32.98 22.23
C PRO A 281 26.43 32.56 21.07
N TYR A 282 26.57 31.25 20.88
CA TYR A 282 27.28 30.67 19.74
C TYR A 282 26.26 29.90 18.91
N GLY A 283 25.98 30.41 17.71
CA GLY A 283 24.91 29.90 16.88
C GLY A 283 25.44 29.19 15.65
N THR A 284 24.95 27.96 15.46
CA THR A 284 25.20 27.17 14.27
C THR A 284 24.49 27.82 13.07
N PRO A 285 24.94 27.52 11.82
CA PRO A 285 24.14 27.93 10.66
C PRO A 285 22.73 27.33 10.64
N LEU A 286 22.42 26.48 11.64
CA LEU A 286 21.10 25.86 11.78
C LEU A 286 20.41 26.28 13.07
N SER A 287 20.77 27.43 13.64
CA SER A 287 20.17 27.86 14.89
C SER A 287 18.74 28.33 14.67
N VAL A 288 17.81 27.80 15.44
CA VAL A 288 16.44 28.28 15.49
C VAL A 288 16.37 29.22 16.68
N ASN A 289 16.39 30.52 16.41
CA ASN A 289 16.41 31.50 17.48
C ASN A 289 15.11 31.45 18.29
N PHE A 290 13.98 31.65 17.62
CA PHE A 290 12.66 31.57 18.24
C PHE A 290 11.81 30.57 17.47
N GLY A 291 11.53 29.43 18.09
CA GLY A 291 10.76 28.39 17.47
C GLY A 291 9.85 27.70 18.46
N PRO A 292 9.37 26.51 18.12
CA PRO A 292 8.42 25.83 19.01
C PRO A 292 9.05 25.52 20.36
N THR A 293 8.19 25.39 21.36
CA THR A 293 8.59 25.14 22.73
C THR A 293 7.45 24.38 23.39
N VAL A 294 7.72 23.83 24.58
CA VAL A 294 6.68 23.12 25.32
C VAL A 294 5.79 24.16 25.98
N ASP A 295 4.80 24.68 25.26
CA ASP A 295 4.03 25.80 25.82
C ASP A 295 3.01 25.36 26.87
N GLY A 296 2.83 24.06 27.08
CA GLY A 296 1.77 23.56 27.94
C GLY A 296 0.39 23.74 27.39
N ASP A 297 0.25 24.26 26.17
CA ASP A 297 -1.05 24.41 25.52
C ASP A 297 -1.05 23.67 24.19
N PHE A 298 -0.34 24.17 23.17
CA PHE A 298 -0.22 23.43 21.93
C PHE A 298 0.53 22.12 22.13
N LEU A 299 1.47 22.10 23.07
CA LEU A 299 2.35 20.97 23.33
C LEU A 299 2.43 20.80 24.84
N THR A 300 1.85 19.72 25.37
CA THR A 300 1.77 19.55 26.82
C THR A 300 3.01 18.89 27.43
N ASP A 301 3.94 18.38 26.64
CA ASP A 301 5.16 17.79 27.15
C ASP A 301 6.22 17.88 26.07
N MET A 302 7.46 17.63 26.43
CA MET A 302 8.50 17.52 25.42
C MET A 302 8.08 16.46 24.39
N PRO A 303 8.31 16.70 23.09
CA PRO A 303 7.67 15.84 22.09
C PRO A 303 8.17 14.41 22.11
N ASP A 304 9.42 14.19 22.47
CA ASP A 304 9.96 12.84 22.48
C ASP A 304 9.22 11.96 23.48
N ILE A 305 8.68 12.56 24.53
CA ILE A 305 7.93 11.80 25.54
C ILE A 305 6.55 11.41 25.00
N LEU A 306 5.83 12.36 24.40
CA LEU A 306 4.52 12.06 23.81
C LEU A 306 4.64 10.96 22.76
N LEU A 307 5.69 11.01 21.93
CA LEU A 307 5.89 9.97 20.92
C LEU A 307 6.13 8.62 21.58
N GLU A 308 7.06 8.56 22.54
CA GLU A 308 7.39 7.29 23.16
C GLU A 308 6.17 6.66 23.86
N LEU A 309 5.34 7.48 24.48
CA LEU A 309 4.13 6.99 25.15
C LEU A 309 2.97 6.73 24.20
N GLY A 310 3.17 6.93 22.90
CA GLY A 310 2.12 6.66 21.93
C GLY A 310 0.95 7.61 21.97
N GLN A 311 1.13 8.81 22.52
CA GLN A 311 0.07 9.80 22.58
C GLN A 311 0.22 10.71 21.35
N PHE A 312 -0.41 10.30 20.26
CA PHE A 312 -0.45 11.10 19.04
C PHE A 312 -1.58 10.56 18.17
N LYS A 313 -1.92 11.33 17.13
CA LYS A 313 -2.92 10.91 16.18
C LYS A 313 -2.54 9.59 15.50
N LYS A 314 -3.48 8.66 15.44
CA LYS A 314 -3.23 7.36 14.80
C LYS A 314 -3.72 7.42 13.36
N THR A 315 -2.79 7.50 12.42
CA THR A 315 -3.12 7.67 11.02
C THR A 315 -1.86 7.38 10.20
N GLN A 316 -2.03 7.37 8.88
CA GLN A 316 -0.93 7.01 7.98
C GLN A 316 -0.05 8.22 7.72
N ILE A 317 1.26 7.98 7.57
CA ILE A 317 2.26 9.02 7.32
C ILE A 317 3.13 8.67 6.13
N LEU A 318 3.53 9.70 5.39
CA LEU A 318 4.51 9.59 4.30
C LEU A 318 5.69 10.47 4.68
N VAL A 319 6.88 9.89 4.72
CA VAL A 319 8.07 10.56 5.23
C VAL A 319 9.22 10.32 4.26
N GLY A 320 10.12 11.29 4.15
CA GLY A 320 11.30 11.05 3.35
C GLY A 320 12.29 12.18 3.48
N VAL A 321 13.48 11.96 2.90
CA VAL A 321 14.58 12.91 2.93
C VAL A 321 15.30 12.91 1.58
N ASN A 322 16.09 13.95 1.36
CA ASN A 322 16.93 14.08 0.17
C ASN A 322 18.35 13.58 0.43
N LYS A 323 19.11 13.38 -0.65
CA LYS A 323 20.41 12.71 -0.54
C LYS A 323 21.49 13.63 0.05
N ASP A 324 21.45 14.92 -0.24
CA ASP A 324 22.49 15.82 0.24
C ASP A 324 21.89 16.96 1.07
N GLU A 325 21.18 16.61 2.13
CA GLU A 325 20.51 17.64 2.92
C GLU A 325 21.50 18.63 3.51
N GLY A 326 22.74 18.21 3.75
CA GLY A 326 23.65 19.02 4.53
C GLY A 326 24.40 20.09 3.76
N THR A 327 24.64 19.87 2.47
CA THR A 327 25.59 20.72 1.76
C THR A 327 25.17 22.18 1.77
N ALA A 328 23.86 22.45 1.73
CA ALA A 328 23.36 23.82 1.67
C ALA A 328 23.84 24.68 2.84
N PHE A 329 24.22 24.07 3.96
CA PHE A 329 24.56 24.83 5.15
C PHE A 329 26.06 25.06 5.28
N LEU A 330 26.87 24.46 4.43
CA LEU A 330 28.31 24.63 4.51
C LEU A 330 28.78 25.96 3.92
N VAL A 331 28.04 26.50 2.93
CA VAL A 331 28.37 27.80 2.37
C VAL A 331 28.02 28.95 3.30
N TYR A 332 27.22 28.71 4.34
CA TYR A 332 26.85 29.75 5.30
C TYR A 332 27.69 29.72 6.57
N GLY A 333 29.00 29.55 6.45
CA GLY A 333 29.87 29.72 7.60
C GLY A 333 30.92 28.66 7.84
N ALA A 334 31.05 27.70 6.93
CA ALA A 334 32.11 26.72 7.13
C ALA A 334 33.35 27.15 6.36
N PRO A 335 34.53 27.15 6.99
CA PRO A 335 35.74 27.64 6.32
C PRO A 335 36.10 26.78 5.11
N GLY A 336 36.37 27.46 4.00
CA GLY A 336 36.81 26.82 2.78
C GLY A 336 35.72 26.47 1.80
N PHE A 337 34.47 26.84 2.08
CA PHE A 337 33.33 26.48 1.24
C PHE A 337 32.81 27.71 0.53
N SER A 338 32.67 27.61 -0.79
CA SER A 338 32.04 28.64 -1.61
C SER A 338 31.11 27.97 -2.60
N LYS A 339 30.03 28.67 -2.94
CA LYS A 339 29.18 28.21 -4.03
C LYS A 339 29.83 28.38 -5.40
N ASP A 340 31.02 28.97 -5.47
CA ASP A 340 31.64 29.37 -6.73
C ASP A 340 32.91 28.60 -7.06
N ASN A 341 33.42 27.77 -6.15
CA ASN A 341 34.51 26.84 -6.45
C ASN A 341 34.11 25.45 -5.95
N ASN A 342 34.97 24.47 -6.22
CA ASN A 342 34.62 23.08 -5.94
C ASN A 342 34.76 22.71 -4.47
N SER A 343 35.27 23.61 -3.63
CA SER A 343 35.22 23.48 -2.17
C SER A 343 35.98 22.25 -1.67
N ILE A 344 37.12 21.96 -2.27
CA ILE A 344 37.98 20.90 -1.74
C ILE A 344 38.66 21.42 -0.48
N ILE A 345 38.55 20.65 0.60
CA ILE A 345 39.03 21.07 1.90
C ILE A 345 39.95 19.99 2.47
N THR A 346 40.59 20.34 3.59
CA THR A 346 41.60 19.53 4.23
C THR A 346 41.08 18.99 5.54
N ARG A 347 41.88 18.11 6.14
CA ARG A 347 41.49 17.50 7.40
C ARG A 347 41.33 18.54 8.51
N LYS A 348 42.06 19.66 8.44
CA LYS A 348 41.89 20.68 9.48
C LYS A 348 40.73 21.61 9.14
N GLU A 349 40.57 21.94 7.86
CA GLU A 349 39.36 22.65 7.42
C GLU A 349 38.10 21.84 7.75
N PHE A 350 38.21 20.51 7.81
CA PHE A 350 37.10 19.69 8.28
C PHE A 350 36.90 19.89 9.78
N GLN A 351 37.98 19.84 10.56
CA GLN A 351 37.86 20.00 12.02
C GLN A 351 37.31 21.36 12.38
N GLU A 352 37.61 22.39 11.57
CA GLU A 352 37.07 23.72 11.81
C GLU A 352 35.61 23.81 11.36
N GLY A 353 35.25 23.09 10.31
CA GLY A 353 33.85 22.95 9.96
C GLY A 353 33.03 22.34 11.08
N LEU A 354 33.57 21.31 11.74
CA LEU A 354 32.84 20.69 12.85
C LEU A 354 32.67 21.65 14.02
N LYS A 355 33.63 22.54 14.24
CA LYS A 355 33.50 23.53 15.31
C LYS A 355 32.35 24.48 15.04
N ILE A 356 32.12 24.81 13.76
CA ILE A 356 31.03 25.71 13.41
C ILE A 356 29.67 25.09 13.73
N PHE A 357 29.53 23.78 13.50
CA PHE A 357 28.26 23.08 13.64
C PHE A 357 28.09 22.36 14.98
N PHE A 358 29.17 22.18 15.75
CA PHE A 358 29.07 21.54 17.06
C PHE A 358 29.83 22.37 18.10
N PRO A 359 29.42 23.63 18.29
CA PRO A 359 30.23 24.53 19.13
C PRO A 359 30.33 24.09 20.57
N GLY A 360 29.32 23.40 21.08
CA GLY A 360 29.32 22.97 22.46
C GLY A 360 29.85 21.59 22.71
N VAL A 361 30.19 20.83 21.66
CA VAL A 361 30.69 19.47 21.81
C VAL A 361 32.17 19.48 22.13
N SER A 362 32.60 18.53 22.98
CA SER A 362 33.99 18.40 23.43
C SER A 362 35.00 18.15 22.31
N GLU A 363 36.27 18.00 22.66
CA GLU A 363 37.26 17.64 21.66
C GLU A 363 37.23 16.14 21.40
N PHE A 364 37.01 15.35 22.46
CA PHE A 364 36.80 13.91 22.28
C PHE A 364 35.59 13.64 21.39
N GLY A 365 34.51 14.38 21.58
CA GLY A 365 33.32 14.18 20.76
C GLY A 365 33.54 14.55 19.31
N LYS A 366 34.18 15.70 19.06
CA LYS A 366 34.46 16.09 17.69
C LYS A 366 35.42 15.11 17.02
N GLU A 367 36.24 14.41 17.81
CA GLU A 367 37.14 13.42 17.23
C GLU A 367 36.39 12.13 16.85
N SER A 368 35.45 11.71 17.70
CA SER A 368 34.67 10.52 17.39
C SER A 368 33.84 10.72 16.12
N ILE A 369 33.27 11.91 15.94
CA ILE A 369 32.54 12.22 14.71
C ILE A 369 33.44 12.07 13.50
N LEU A 370 34.58 12.77 13.52
CA LEU A 370 35.53 12.70 12.41
C LEU A 370 35.94 11.26 12.13
N PHE A 371 36.12 10.45 13.16
CA PHE A 371 36.57 9.08 12.95
C PHE A 371 35.51 8.27 12.23
N HIS A 372 34.24 8.47 12.59
CA HIS A 372 33.18 7.67 12.01
C HIS A 372 32.97 7.98 10.53
N TYR A 373 33.42 9.15 10.08
CA TYR A 373 33.16 9.63 8.73
C TYR A 373 34.42 9.66 7.86
N THR A 374 35.49 8.98 8.26
CA THR A 374 36.75 9.01 7.54
C THR A 374 37.26 7.61 7.14
N ASP A 375 36.39 6.59 7.18
CA ASP A 375 36.75 5.24 6.76
C ASP A 375 36.62 5.15 5.23
N TRP A 376 37.51 5.87 4.55
CA TRP A 376 37.39 6.09 3.11
C TRP A 376 37.42 4.78 2.35
N VAL A 377 36.67 4.75 1.24
CA VAL A 377 36.84 3.67 0.30
C VAL A 377 38.03 3.93 -0.61
N ASP A 378 38.32 5.19 -0.89
CA ASP A 378 39.46 5.60 -1.72
C ASP A 378 40.07 6.83 -1.05
N ASP A 379 41.15 6.62 -0.30
CA ASP A 379 41.76 7.76 0.40
C ASP A 379 42.54 8.67 -0.53
N GLN A 380 42.67 8.34 -1.82
CA GLN A 380 43.24 9.25 -2.81
C GLN A 380 42.27 10.33 -3.23
N ARG A 381 40.97 10.11 -3.03
CA ARG A 381 39.93 11.03 -3.48
C ARG A 381 40.04 12.35 -2.74
N PRO A 382 40.28 13.47 -3.44
CA PRO A 382 40.42 14.74 -2.71
C PRO A 382 39.13 15.16 -2.02
N GLU A 383 38.00 15.02 -2.71
CA GLU A 383 36.68 15.46 -2.26
C GLU A 383 36.19 14.73 -1.00
N ASN A 384 37.03 13.88 -0.40
CA ASN A 384 36.60 13.06 0.72
C ASN A 384 36.09 13.92 1.87
N TYR A 385 36.87 14.91 2.29
CA TYR A 385 36.45 15.70 3.44
C TYR A 385 35.32 16.66 3.11
N ARG A 386 35.28 17.19 1.89
CA ARG A 386 34.15 18.04 1.48
C ARG A 386 32.83 17.29 1.58
N GLU A 387 32.80 16.04 1.13
CA GLU A 387 31.58 15.25 1.16
C GLU A 387 31.31 14.66 2.54
N ALA A 388 32.36 14.39 3.32
CA ALA A 388 32.16 13.89 4.67
C ALA A 388 31.46 14.93 5.55
N LEU A 389 31.81 16.21 5.39
CA LEU A 389 31.18 17.24 6.23
C LEU A 389 29.72 17.46 5.86
N GLY A 390 29.40 17.44 4.57
CA GLY A 390 28.02 17.53 4.15
C GLY A 390 27.17 16.40 4.72
N ASP A 391 27.72 15.18 4.73
CA ASP A 391 26.98 14.04 5.28
C ASP A 391 26.78 14.17 6.79
N VAL A 392 27.80 14.67 7.51
CA VAL A 392 27.65 14.85 8.96
C VAL A 392 26.50 15.80 9.26
N VAL A 393 26.50 16.96 8.60
CA VAL A 393 25.41 17.91 8.80
C VAL A 393 24.09 17.31 8.37
N GLY A 394 24.08 16.61 7.23
CA GLY A 394 22.86 16.00 6.75
C GLY A 394 22.35 14.86 7.62
N ASP A 395 23.24 13.98 8.09
CA ASP A 395 22.77 12.84 8.89
C ASP A 395 22.22 13.29 10.23
N TYR A 396 22.94 14.19 10.91
CA TYR A 396 22.61 14.51 12.29
C TYR A 396 21.33 15.34 12.37
N ASN A 397 21.15 16.26 11.42
CA ASN A 397 20.08 17.25 11.47
C ASN A 397 18.78 16.82 10.78
N PHE A 398 18.83 15.96 9.75
CA PHE A 398 17.63 15.65 8.97
C PHE A 398 17.37 14.14 8.82
N ILE A 399 18.33 13.41 8.29
CA ILE A 399 18.09 12.04 7.86
C ILE A 399 17.82 11.14 9.06
N CYS A 400 18.79 11.05 9.98
CA CYS A 400 18.64 10.12 11.09
C CYS A 400 17.44 10.42 11.98
N PRO A 401 17.12 11.66 12.35
CA PRO A 401 15.87 11.88 13.09
C PRO A 401 14.63 11.49 12.30
N ALA A 402 14.54 11.84 11.02
CA ALA A 402 13.37 11.44 10.23
C ALA A 402 13.21 9.92 10.20
N LEU A 403 14.32 9.18 10.08
CA LEU A 403 14.24 7.72 10.11
C LEU A 403 13.80 7.23 11.49
N GLU A 404 14.30 7.86 12.54
CA GLU A 404 13.94 7.44 13.89
C GLU A 404 12.50 7.79 14.22
N PHE A 405 12.02 8.95 13.74
CA PHE A 405 10.61 9.29 13.92
C PHE A 405 9.69 8.28 13.22
N THR A 406 10.01 7.96 11.96
CA THR A 406 9.21 6.98 11.21
C THR A 406 9.20 5.63 11.91
N LYS A 407 10.37 5.16 12.32
CA LYS A 407 10.51 3.92 13.08
C LYS A 407 9.59 3.93 14.30
N LYS A 408 9.76 4.91 15.19
CA LYS A 408 8.98 4.95 16.43
C LYS A 408 7.49 5.09 16.14
N PHE A 409 7.14 5.93 15.18
CA PHE A 409 5.74 6.11 14.83
C PHE A 409 5.14 4.82 14.28
N SER A 410 5.92 4.09 13.47
CA SER A 410 5.41 2.87 12.84
C SER A 410 5.06 1.79 13.86
N GLU A 411 5.73 1.79 15.01
CA GLU A 411 5.55 0.75 16.00
C GLU A 411 4.21 0.82 16.72
N TRP A 412 3.36 1.81 16.45
CA TRP A 412 2.07 1.89 17.09
C TRP A 412 0.94 1.47 16.16
N GLY A 413 1.26 0.82 15.06
CA GLY A 413 0.28 0.12 14.27
C GLY A 413 -0.30 0.85 13.08
N ASN A 414 0.31 1.94 12.63
CA ASN A 414 -0.21 2.67 11.47
C ASN A 414 0.82 2.62 10.35
N ASN A 415 0.33 2.63 9.11
CA ASN A 415 1.18 2.40 7.95
C ASN A 415 2.00 3.63 7.62
N ALA A 416 3.32 3.47 7.58
CA ALA A 416 4.26 4.52 7.25
C ALA A 416 4.98 4.19 5.95
N PHE A 417 5.37 5.22 5.21
CA PHE A 417 6.13 5.04 3.98
C PHE A 417 7.31 6.00 3.99
N PHE A 418 8.49 5.50 3.64
CA PHE A 418 9.70 6.30 3.64
C PHE A 418 10.28 6.38 2.24
N TYR A 419 10.86 7.54 1.90
CA TYR A 419 11.43 7.76 0.57
C TYR A 419 12.80 8.40 0.66
N TYR A 420 13.60 8.16 -0.37
CA TYR A 420 14.92 8.74 -0.52
C TYR A 420 14.94 9.43 -1.87
N PHE A 421 14.88 10.75 -1.84
CA PHE A 421 14.86 11.53 -3.08
C PHE A 421 16.30 11.73 -3.55
N GLU A 422 16.61 11.19 -4.73
CA GLU A 422 17.99 11.11 -5.20
C GLU A 422 18.29 11.92 -6.46
N HIS A 423 17.33 12.70 -6.98
CA HIS A 423 17.53 13.37 -8.26
C HIS A 423 17.89 14.83 -8.09
N ARG A 424 18.92 15.27 -8.82
CA ARG A 424 19.30 16.67 -8.90
C ARG A 424 18.58 17.36 -10.06
N SER A 425 18.05 18.55 -9.77
CA SER A 425 17.35 19.33 -10.78
C SER A 425 18.32 19.79 -11.87
N SER A 426 17.88 19.67 -13.13
CA SER A 426 18.69 20.13 -14.24
C SER A 426 18.87 21.64 -14.27
N LYS A 427 18.03 22.38 -13.54
CA LYS A 427 18.10 23.83 -13.50
C LYS A 427 18.63 24.37 -12.17
N LEU A 428 19.07 23.48 -11.28
CA LEU A 428 19.56 23.89 -9.97
C LEU A 428 20.67 24.93 -10.09
N PRO A 429 20.52 26.11 -9.47
CA PRO A 429 21.53 27.17 -9.64
C PRO A 429 22.80 26.95 -8.85
N TRP A 430 22.81 26.04 -7.89
CA TRP A 430 23.97 25.82 -7.05
C TRP A 430 24.95 24.86 -7.74
N PRO A 431 26.22 24.87 -7.32
CA PRO A 431 27.23 24.04 -7.98
C PRO A 431 26.92 22.56 -7.88
N GLU A 432 27.69 21.78 -8.65
CA GLU A 432 27.52 20.33 -8.69
C GLU A 432 27.83 19.69 -7.35
N TRP A 433 28.89 20.16 -6.68
CA TRP A 433 29.38 19.47 -5.49
C TRP A 433 28.36 19.44 -4.38
N MET A 434 27.32 20.26 -4.46
CA MET A 434 26.28 20.31 -3.44
C MET A 434 25.19 19.27 -3.67
N GLY A 435 25.04 18.78 -4.90
CA GLY A 435 24.20 17.62 -5.16
C GLY A 435 22.72 17.88 -4.95
N VAL A 436 22.03 16.87 -4.40
CA VAL A 436 20.59 16.88 -4.18
C VAL A 436 20.28 17.61 -2.87
N MET A 437 20.09 18.94 -2.97
CA MET A 437 20.15 19.83 -1.81
C MET A 437 18.85 19.85 -1.01
N HIS A 438 18.96 20.37 0.20
CA HIS A 438 17.81 20.63 1.06
C HIS A 438 16.84 21.57 0.36
N GLY A 439 15.58 21.16 0.28
CA GLY A 439 14.53 21.98 -0.30
C GLY A 439 14.30 21.82 -1.78
N TYR A 440 14.97 20.89 -2.46
CA TYR A 440 14.92 20.83 -3.92
C TYR A 440 14.20 19.59 -4.44
N GLU A 441 13.35 18.99 -3.62
CA GLU A 441 12.30 18.10 -4.09
C GLU A 441 10.97 18.82 -4.23
N ILE A 442 10.87 20.08 -3.76
CA ILE A 442 9.59 20.75 -3.62
C ILE A 442 8.97 21.02 -4.98
N GLU A 443 9.75 21.57 -5.90
CA GLU A 443 9.26 21.82 -7.26
C GLU A 443 8.81 20.53 -7.94
N PHE A 444 9.45 19.41 -7.63
CA PHE A 444 9.00 18.14 -8.20
C PHE A 444 7.69 17.67 -7.56
N VAL A 445 7.52 17.89 -6.25
CA VAL A 445 6.29 17.54 -5.57
C VAL A 445 5.14 18.43 -6.04
N PHE A 446 5.43 19.69 -6.37
CA PHE A 446 4.38 20.61 -6.80
C PHE A 446 4.14 20.59 -8.31
N GLY A 447 4.87 19.79 -9.08
CA GLY A 447 4.59 19.57 -10.48
C GLY A 447 5.25 20.50 -11.47
N LEU A 448 6.11 21.42 -11.02
CA LEU A 448 6.73 22.41 -11.89
C LEU A 448 7.39 21.82 -13.13
N PRO A 449 7.96 20.60 -13.10
CA PRO A 449 8.46 20.01 -14.35
C PRO A 449 7.37 19.56 -15.31
N LEU A 450 6.10 19.59 -14.92
CA LEU A 450 5.04 19.26 -15.87
C LEU A 450 4.83 20.36 -16.90
N GLU A 451 5.31 21.58 -16.64
CA GLU A 451 5.27 22.66 -17.62
C GLU A 451 6.45 22.51 -18.58
N ARG A 452 6.16 22.14 -19.83
CA ARG A 452 7.23 21.92 -20.81
C ARG A 452 7.84 23.23 -21.30
N ARG A 453 7.14 24.35 -21.14
CA ARG A 453 7.68 25.66 -21.46
C ARG A 453 8.84 26.08 -20.56
N ASP A 454 9.30 25.20 -19.66
CA ASP A 454 10.17 25.61 -18.57
C ASP A 454 11.53 24.93 -18.60
N ASN A 455 11.94 24.36 -19.75
CA ASN A 455 13.31 23.89 -19.97
C ASN A 455 13.69 22.73 -19.04
N TYR A 456 12.72 21.88 -18.69
CA TYR A 456 13.01 20.70 -17.91
C TYR A 456 13.25 19.50 -18.82
N THR A 457 14.00 18.53 -18.31
CA THR A 457 14.22 17.34 -19.09
C THR A 457 12.97 16.46 -19.08
N LYS A 458 12.84 15.64 -20.12
CA LYS A 458 11.67 14.78 -20.22
C LYS A 458 11.62 13.76 -19.08
N ALA A 459 12.78 13.29 -18.63
CA ALA A 459 12.80 12.35 -17.51
C ALA A 459 12.35 13.02 -16.22
N GLU A 460 12.56 14.34 -16.11
CA GLU A 460 12.11 15.08 -14.94
C GLU A 460 10.60 15.28 -14.95
N GLU A 461 10.00 15.45 -16.13
CA GLU A 461 8.54 15.49 -16.19
C GLU A 461 7.96 14.16 -15.76
N ILE A 462 8.54 13.04 -16.23
CA ILE A 462 8.05 11.71 -15.87
C ILE A 462 8.22 11.47 -14.38
N LEU A 463 9.33 11.93 -13.83
CA LEU A 463 9.56 11.81 -12.39
C LEU A 463 8.56 12.67 -11.62
N SER A 464 8.45 13.95 -11.98
CA SER A 464 7.53 14.84 -11.29
C SER A 464 6.09 14.36 -11.43
N ARG A 465 5.70 13.93 -12.63
CA ARG A 465 4.35 13.37 -12.81
CA ARG A 465 4.35 13.39 -12.80
C ARG A 465 4.12 12.18 -11.90
N SER A 466 5.17 11.38 -11.66
CA SER A 466 5.05 10.20 -10.84
C SER A 466 4.98 10.58 -9.36
N ILE A 467 5.79 11.53 -8.91
CA ILE A 467 5.78 11.95 -7.52
C ILE A 467 4.47 12.64 -7.18
N VAL A 468 3.97 13.47 -8.10
CA VAL A 468 2.67 14.13 -7.91
C VAL A 468 1.56 13.09 -7.74
N LYS A 469 1.56 12.05 -8.58
CA LYS A 469 0.52 11.03 -8.46
C LYS A 469 0.61 10.27 -7.16
N ARG A 470 1.83 9.91 -6.75
CA ARG A 470 1.99 9.16 -5.51
C ARG A 470 1.56 9.99 -4.29
N TRP A 471 1.96 11.26 -4.24
CA TRP A 471 1.55 12.12 -3.12
C TRP A 471 0.04 12.26 -3.04
N ALA A 472 -0.59 12.58 -4.17
CA ALA A 472 -2.04 12.78 -4.16
C ALA A 472 -2.80 11.48 -3.92
N ASN A 473 -2.24 10.34 -4.31
CA ASN A 473 -2.89 9.08 -3.99
C ASN A 473 -2.76 8.75 -2.51
N PHE A 474 -1.60 9.01 -1.91
CA PHE A 474 -1.48 8.86 -0.46
C PHE A 474 -2.50 9.74 0.26
N ALA A 475 -2.75 10.95 -0.24
CA ALA A 475 -3.76 11.81 0.37
C ALA A 475 -5.14 11.18 0.29
N LYS A 476 -5.51 10.69 -0.90
CA LYS A 476 -6.85 10.14 -1.12
C LYS A 476 -7.03 8.78 -0.45
N TYR A 477 -6.02 7.90 -0.49
CA TYR A 477 -6.22 6.51 -0.12
C TYR A 477 -5.33 5.99 1.01
N GLY A 478 -4.43 6.80 1.55
CA GLY A 478 -3.48 6.27 2.53
C GLY A 478 -2.43 5.36 1.93
N ASN A 479 -2.30 5.35 0.60
CA ASN A 479 -1.36 4.50 -0.12
C ASN A 479 -0.73 5.32 -1.24
N PRO A 480 0.59 5.45 -1.26
CA PRO A 480 1.27 6.19 -2.34
C PRO A 480 1.57 5.31 -3.56
N ASN A 481 0.53 4.76 -4.16
CA ASN A 481 0.65 3.96 -5.37
C ASN A 481 0.57 4.85 -6.61
N GLU A 482 1.20 4.40 -7.70
CA GLU A 482 1.07 5.10 -8.97
C GLU A 482 -0.06 4.44 -9.76
N THR A 483 0.22 3.29 -10.36
CA THR A 483 -0.82 2.45 -10.94
C THR A 483 -0.75 1.09 -10.27
N GLN A 484 -1.72 0.23 -10.59
CA GLN A 484 -1.68 -1.13 -10.07
C GLN A 484 -0.66 -1.98 -10.82
N ASN A 485 -0.44 -1.69 -12.11
CA ASN A 485 0.49 -2.42 -12.94
C ASN A 485 1.54 -1.47 -13.51
N ASN A 486 2.71 -2.03 -13.85
CA ASN A 486 3.84 -1.27 -14.40
C ASN A 486 4.30 -0.18 -13.42
N SER A 487 4.45 -0.57 -12.15
CA SER A 487 4.85 0.35 -11.10
C SER A 487 5.44 -0.44 -9.94
N THR A 488 6.52 0.07 -9.35
CA THR A 488 7.10 -0.54 -8.17
C THR A 488 6.17 -0.32 -6.98
N SER A 489 5.79 -1.40 -6.32
CA SER A 489 5.02 -1.26 -5.09
C SER A 489 5.91 -0.59 -4.04
N TRP A 490 5.44 0.54 -3.49
CA TRP A 490 6.05 1.20 -2.35
C TRP A 490 5.59 0.50 -1.08
N PRO A 491 6.46 -0.24 -0.41
CA PRO A 491 6.05 -1.00 0.78
C PRO A 491 6.14 -0.17 2.06
N VAL A 492 5.47 -0.67 3.10
CA VAL A 492 5.39 0.05 4.37
C VAL A 492 6.72 -0.02 5.11
N PHE A 493 7.08 1.09 5.75
CA PHE A 493 8.25 1.12 6.61
C PHE A 493 7.90 0.41 7.91
N LYS A 494 8.59 -0.68 8.19
CA LYS A 494 8.35 -1.50 9.38
C LYS A 494 9.67 -1.54 10.15
N SER A 495 9.58 -1.53 11.49
CA SER A 495 10.78 -1.26 12.29
C SER A 495 11.83 -2.36 12.15
N THR A 496 11.42 -3.58 11.82
CA THR A 496 12.38 -4.65 11.59
C THR A 496 13.12 -4.45 10.27
N GLU A 497 12.38 -4.51 9.16
CA GLU A 497 12.99 -4.48 7.83
C GLU A 497 13.42 -3.08 7.42
N GLN A 498 12.63 -2.06 7.75
CA GLN A 498 12.91 -0.65 7.44
C GLN A 498 13.10 -0.44 5.94
N LYS A 499 12.09 -0.84 5.16
CA LYS A 499 12.13 -0.70 3.71
C LYS A 499 11.69 0.69 3.28
N TYR A 500 12.44 1.27 2.35
CA TYR A 500 12.10 2.56 1.77
C TYR A 500 12.17 2.45 0.25
N LEU A 501 11.61 3.46 -0.41
CA LEU A 501 11.63 3.60 -1.86
C LEU A 501 12.49 4.80 -2.27
N THR A 502 13.41 4.59 -3.22
CA THR A 502 14.22 5.67 -3.78
C THR A 502 13.51 6.28 -4.97
N LEU A 503 13.74 7.59 -5.17
CA LEU A 503 13.07 8.38 -6.20
C LEU A 503 14.12 9.09 -7.05
N ASN A 504 14.21 8.73 -8.33
CA ASN A 504 15.10 9.35 -9.30
C ASN A 504 14.69 8.89 -10.70
N THR A 505 15.37 9.42 -11.70
CA THR A 505 14.99 9.18 -13.09
C THR A 505 15.45 7.82 -13.63
N GLU A 506 16.50 7.23 -13.07
CA GLU A 506 17.04 5.98 -13.62
C GLU A 506 16.22 4.76 -13.19
N SER A 507 16.10 4.54 -11.88
CA SER A 507 15.47 3.31 -11.39
C SER A 507 14.96 3.55 -9.97
N THR A 508 13.67 3.38 -9.76
CA THR A 508 13.09 3.48 -8.42
C THR A 508 13.13 2.09 -7.78
N ARG A 509 13.87 1.97 -6.69
CA ARG A 509 14.18 0.68 -6.07
C ARG A 509 13.68 0.63 -4.63
N ILE A 510 13.41 -0.59 -4.16
CA ILE A 510 13.09 -0.82 -2.76
C ILE A 510 14.38 -1.19 -2.05
N MET A 511 14.74 -0.41 -1.04
CA MET A 511 15.99 -0.62 -0.33
C MET A 511 15.68 -0.81 1.17
N THR A 512 16.72 -1.03 1.97
CA THR A 512 16.53 -1.35 3.38
C THR A 512 17.58 -0.63 4.23
N LYS A 513 17.16 -0.18 5.41
CA LYS A 513 18.06 0.36 6.44
C LYS A 513 18.97 1.46 5.90
N LEU A 514 18.32 2.53 5.44
CA LEU A 514 19.00 3.73 4.92
C LEU A 514 20.04 4.26 5.92
N ARG A 515 21.30 4.29 5.46
CA ARG A 515 22.45 4.80 6.23
C ARG A 515 22.43 4.35 7.69
N ALA A 516 22.27 3.04 7.90
CA ALA A 516 22.17 2.50 9.26
C ALA A 516 23.49 2.62 10.00
N GLN A 517 24.61 2.41 9.28
CA GLN A 517 25.92 2.47 9.92
C GLN A 517 26.22 3.90 10.41
N GLN A 518 25.83 4.90 9.63
CA GLN A 518 25.98 6.30 10.06
C GLN A 518 25.05 6.64 11.21
N CYS A 519 23.75 6.41 11.03
CA CYS A 519 22.78 6.82 12.04
C CYS A 519 23.00 6.13 13.37
N ARG A 520 23.55 4.91 13.35
CA ARG A 520 23.86 4.24 14.60
C ARG A 520 24.78 5.09 15.47
N PHE A 521 25.68 5.84 14.85
CA PHE A 521 26.52 6.76 15.60
C PHE A 521 25.69 7.80 16.35
N TRP A 522 24.78 8.48 15.65
CA TRP A 522 24.03 9.57 16.27
C TRP A 522 22.99 9.06 17.27
N THR A 523 22.39 7.91 17.00
CA THR A 523 21.39 7.38 17.93
C THR A 523 22.02 6.73 19.16
N SER A 524 23.21 6.11 19.03
CA SER A 524 23.75 5.27 20.09
C SER A 524 25.09 5.70 20.68
N PHE A 525 25.83 6.60 20.04
CA PHE A 525 27.09 7.05 20.63
C PHE A 525 27.11 8.53 20.94
N PHE A 526 26.67 9.37 20.00
CA PHE A 526 26.71 10.81 20.21
C PHE A 526 25.97 11.29 21.46
N PRO A 527 24.80 10.74 21.82
CA PRO A 527 24.16 11.18 23.08
C PRO A 527 24.94 10.84 24.33
N LYS A 528 25.89 9.92 24.27
CA LYS A 528 26.72 9.52 25.39
C LYS A 528 27.99 10.36 25.51
N VAL A 529 28.14 11.37 24.66
CA VAL A 529 29.36 12.17 24.60
C VAL A 529 29.14 13.53 25.26
N ILE B 4 -32.53 -7.34 -21.87
CA ILE B 4 -33.51 -8.24 -21.29
C ILE B 4 -33.42 -8.22 -19.76
N ILE B 5 -34.55 -8.46 -19.08
CA ILE B 5 -34.67 -8.30 -17.64
C ILE B 5 -35.25 -9.56 -17.02
N ILE B 6 -34.70 -9.97 -15.87
CA ILE B 6 -35.13 -11.17 -15.14
C ILE B 6 -35.44 -10.78 -13.70
N ALA B 7 -36.48 -11.39 -13.13
CA ALA B 7 -36.96 -11.04 -11.79
C ALA B 7 -36.34 -11.96 -10.74
N THR B 8 -35.43 -11.40 -9.93
CA THR B 8 -34.86 -12.08 -8.79
C THR B 8 -35.84 -12.03 -7.60
N LYS B 9 -35.76 -13.03 -6.74
CA LYS B 9 -36.57 -13.07 -5.52
C LYS B 9 -36.32 -11.86 -4.63
N ASN B 10 -35.37 -10.98 -5.00
CA ASN B 10 -35.08 -9.77 -4.26
C ASN B 10 -35.12 -8.50 -5.11
N GLY B 11 -35.50 -8.58 -6.36
CA GLY B 11 -35.57 -7.41 -7.21
C GLY B 11 -35.40 -7.82 -8.66
N LYS B 12 -35.17 -6.81 -9.51
CA LYS B 12 -35.03 -7.03 -10.95
C LYS B 12 -33.63 -6.63 -11.39
N VAL B 13 -33.03 -7.45 -12.24
CA VAL B 13 -31.69 -7.22 -12.77
C VAL B 13 -31.73 -7.16 -14.29
N ARG B 14 -31.00 -6.21 -14.87
CA ARG B 14 -30.92 -6.04 -16.32
C ARG B 14 -29.60 -6.61 -16.82
N GLY B 15 -29.66 -7.38 -17.91
CA GLY B 15 -28.50 -8.04 -18.47
C GLY B 15 -28.02 -7.41 -19.77
N MET B 16 -27.28 -8.20 -20.54
CA MET B 16 -26.69 -7.72 -21.78
C MET B 16 -26.46 -8.91 -22.72
N ASN B 17 -26.36 -8.59 -24.01
CA ASN B 17 -26.20 -9.59 -25.06
C ASN B 17 -24.74 -9.62 -25.50
N LEU B 18 -24.16 -10.82 -25.53
CA LEU B 18 -22.80 -11.05 -26.00
C LEU B 18 -22.86 -11.92 -27.24
N THR B 19 -22.13 -11.53 -28.28
CA THR B 19 -22.06 -12.29 -29.52
C THR B 19 -20.81 -13.16 -29.46
N VAL B 20 -21.01 -14.48 -29.39
CA VAL B 20 -19.94 -15.45 -29.19
C VAL B 20 -20.06 -16.49 -30.29
N PHE B 21 -19.10 -16.49 -31.21
CA PHE B 21 -19.00 -17.51 -32.26
C PHE B 21 -20.27 -17.56 -33.11
N GLY B 22 -20.72 -16.38 -33.55
CA GLY B 22 -21.88 -16.33 -34.42
C GLY B 22 -23.19 -16.23 -33.67
N GLY B 23 -23.29 -16.89 -32.51
CA GLY B 23 -24.47 -16.87 -31.68
C GLY B 23 -24.46 -15.76 -30.66
N THR B 24 -25.26 -15.95 -29.61
CA THR B 24 -25.46 -14.95 -28.58
C THR B 24 -25.41 -15.63 -27.22
N VAL B 25 -24.81 -14.94 -26.24
CA VAL B 25 -24.83 -15.36 -24.85
C VAL B 25 -25.35 -14.19 -24.01
N THR B 26 -26.30 -14.47 -23.12
CA THR B 26 -26.86 -13.46 -22.24
C THR B 26 -26.12 -13.47 -20.91
N ALA B 27 -25.53 -12.34 -20.54
CA ALA B 27 -24.70 -12.23 -19.36
C ALA B 27 -25.31 -11.27 -18.34
N PHE B 28 -25.26 -11.66 -17.07
CA PHE B 28 -25.59 -10.78 -15.94
C PHE B 28 -24.35 -10.71 -15.07
N LEU B 29 -23.61 -9.60 -15.16
CA LEU B 29 -22.35 -9.44 -14.46
C LEU B 29 -22.53 -8.49 -13.27
N GLY B 30 -22.33 -9.00 -12.07
CA GLY B 30 -22.34 -8.14 -10.89
C GLY B 30 -23.67 -8.08 -10.18
N ILE B 31 -24.32 -9.23 -10.03
CA ILE B 31 -25.52 -9.33 -9.20
C ILE B 31 -25.09 -9.34 -7.73
N PRO B 32 -25.69 -8.53 -6.86
CA PRO B 32 -25.38 -8.65 -5.43
C PRO B 32 -26.15 -9.81 -4.80
N TYR B 33 -25.44 -10.60 -3.98
CA TYR B 33 -26.02 -11.74 -3.29
C TYR B 33 -25.95 -11.65 -1.77
N ALA B 34 -25.46 -10.54 -1.23
CA ALA B 34 -25.36 -10.35 0.21
C ALA B 34 -25.17 -8.87 0.49
N GLN B 35 -25.49 -8.46 1.71
CA GLN B 35 -25.27 -7.08 2.08
C GLN B 35 -23.76 -6.81 2.10
N PRO B 36 -23.34 -5.59 1.75
CA PRO B 36 -21.91 -5.27 1.78
C PRO B 36 -21.34 -5.46 3.18
N PRO B 37 -20.28 -6.27 3.33
CA PRO B 37 -19.69 -6.53 4.67
C PRO B 37 -18.85 -5.36 5.17
N LEU B 38 -19.52 -4.23 5.45
CA LEU B 38 -18.86 -2.97 5.77
C LEU B 38 -19.09 -2.58 7.22
N GLY B 39 -18.16 -1.78 7.75
CA GLY B 39 -18.27 -1.23 9.08
C GLY B 39 -18.43 -2.30 10.15
N ARG B 40 -19.67 -2.48 10.61
CA ARG B 40 -19.95 -3.39 11.71
C ARG B 40 -20.09 -4.83 11.26
N LEU B 41 -20.11 -5.07 9.96
CA LEU B 41 -20.18 -6.41 9.39
C LEU B 41 -18.81 -6.92 8.96
N ARG B 42 -17.77 -6.12 9.07
CA ARG B 42 -16.42 -6.62 8.83
C ARG B 42 -16.13 -7.76 9.80
N PHE B 43 -15.73 -8.90 9.24
CA PHE B 43 -15.35 -10.16 9.88
C PHE B 43 -16.55 -11.02 10.26
N LYS B 44 -17.77 -10.61 9.96
CA LYS B 44 -18.94 -11.44 10.26
C LYS B 44 -19.34 -12.24 9.03
N LYS B 45 -20.13 -13.30 9.27
CA LYS B 45 -20.65 -14.09 8.16
C LYS B 45 -21.53 -13.20 7.28
N PRO B 46 -21.67 -13.53 5.99
CA PRO B 46 -22.51 -12.71 5.12
C PRO B 46 -23.97 -12.72 5.58
N GLN B 47 -24.61 -11.56 5.52
CA GLN B 47 -26.01 -11.40 5.90
C GLN B 47 -26.88 -11.36 4.65
N SER B 48 -28.00 -12.09 4.70
CA SER B 48 -28.90 -12.18 3.57
C SER B 48 -29.40 -10.80 3.15
N LEU B 49 -29.67 -10.66 1.86
CA LEU B 49 -29.94 -9.37 1.26
C LEU B 49 -31.43 -9.03 1.31
N THR B 50 -31.72 -7.73 1.41
CA THR B 50 -33.09 -7.24 1.39
C THR B 50 -33.51 -6.88 -0.03
N LYS B 51 -34.82 -6.91 -0.26
CA LYS B 51 -35.36 -6.66 -1.60
C LYS B 51 -35.20 -5.19 -1.99
N TRP B 52 -34.95 -4.96 -3.28
CA TRP B 52 -34.83 -3.63 -3.84
C TRP B 52 -35.95 -3.41 -4.85
N SER B 53 -36.50 -2.19 -4.87
CA SER B 53 -37.74 -1.95 -5.60
C SER B 53 -37.50 -1.75 -7.09
N ASP B 54 -36.41 -1.07 -7.45
CA ASP B 54 -36.18 -0.71 -8.85
C ASP B 54 -35.56 -1.85 -9.65
N ILE B 55 -34.63 -1.50 -10.55
CA ILE B 55 -33.97 -2.47 -11.42
C ILE B 55 -32.46 -2.33 -11.24
N TRP B 56 -31.80 -3.44 -10.91
CA TRP B 56 -30.34 -3.48 -10.82
C TRP B 56 -29.74 -3.70 -12.20
N ASN B 57 -28.69 -2.96 -12.52
CA ASN B 57 -28.07 -3.04 -13.85
C ASN B 57 -26.80 -3.87 -13.72
N ALA B 58 -26.95 -5.19 -13.87
CA ALA B 58 -25.83 -6.12 -13.80
C ALA B 58 -25.16 -6.19 -15.18
N THR B 59 -24.55 -5.08 -15.57
CA THR B 59 -23.98 -4.94 -16.90
C THR B 59 -22.48 -4.67 -16.88
N LYS B 60 -21.86 -4.72 -15.69
CA LYS B 60 -20.42 -4.58 -15.59
C LYS B 60 -19.93 -5.39 -14.41
N TYR B 61 -18.68 -5.86 -14.52
CA TYR B 61 -18.04 -6.59 -13.43
C TYR B 61 -17.97 -5.72 -12.20
N ALA B 62 -18.26 -6.30 -11.04
CA ALA B 62 -18.34 -5.54 -9.80
C ALA B 62 -16.95 -5.35 -9.19
N ASN B 63 -16.93 -4.67 -8.04
CA ASN B 63 -15.69 -4.52 -7.27
C ASN B 63 -15.13 -5.88 -6.86
N SER B 64 -13.81 -5.98 -6.85
CA SER B 64 -13.12 -7.16 -6.35
C SER B 64 -12.79 -6.97 -4.88
N CYS B 65 -12.84 -8.05 -4.11
CA CYS B 65 -12.60 -7.94 -2.67
C CYS B 65 -11.18 -7.45 -2.39
N CYS B 66 -11.03 -6.75 -1.27
CA CYS B 66 -9.75 -6.17 -0.91
C CYS B 66 -8.70 -7.26 -0.80
N GLN B 67 -7.53 -7.02 -1.38
CA GLN B 67 -6.50 -8.05 -1.45
C GLN B 67 -5.19 -7.41 -1.84
N ASN B 68 -4.09 -8.08 -1.46
CA ASN B 68 -2.75 -7.67 -1.86
C ASN B 68 -2.49 -8.05 -3.31
N ILE B 69 -1.76 -7.21 -4.02
CA ILE B 69 -1.50 -7.37 -5.45
C ILE B 69 -0.11 -7.93 -5.63
N ASP B 70 0.04 -8.90 -6.54
CA ASP B 70 1.36 -9.36 -6.91
C ASP B 70 2.01 -8.32 -7.81
N GLN B 71 3.04 -7.65 -7.31
CA GLN B 71 3.76 -6.67 -8.11
C GLN B 71 5.24 -7.02 -8.18
N SER B 72 5.54 -8.33 -8.19
CA SER B 72 6.93 -8.79 -8.26
C SER B 72 7.57 -8.50 -9.61
N PHE B 73 6.78 -8.53 -10.69
CA PHE B 73 7.28 -8.36 -12.06
C PHE B 73 6.41 -7.31 -12.75
N PRO B 74 6.63 -6.03 -12.47
CA PRO B 74 5.82 -4.98 -13.11
C PRO B 74 5.91 -5.03 -14.62
N GLY B 75 4.75 -4.93 -15.27
CA GLY B 75 4.67 -5.01 -16.71
C GLY B 75 4.69 -6.41 -17.30
N PHE B 76 4.84 -7.44 -16.47
CA PHE B 76 4.93 -8.81 -16.95
C PHE B 76 3.55 -9.47 -16.92
N HIS B 77 3.08 -9.90 -18.09
CA HIS B 77 1.73 -10.45 -18.18
C HIS B 77 1.57 -11.72 -17.35
N GLY B 78 2.62 -12.55 -17.23
CA GLY B 78 2.49 -13.82 -16.55
C GLY B 78 2.09 -13.71 -15.09
N SER B 79 2.44 -12.59 -14.45
CA SER B 79 2.05 -12.32 -13.08
C SER B 79 0.84 -11.39 -13.00
N GLU B 80 0.79 -10.37 -13.84
CA GLU B 80 -0.30 -9.40 -13.73
C GLU B 80 -1.62 -9.94 -14.23
N MET B 81 -1.63 -11.06 -14.96
CA MET B 81 -2.90 -11.62 -15.42
C MET B 81 -3.70 -12.22 -14.28
N TRP B 82 -3.13 -12.29 -13.08
CA TRP B 82 -3.84 -12.77 -11.90
C TRP B 82 -4.24 -11.64 -10.97
N ASN B 83 -3.78 -10.42 -11.25
CA ASN B 83 -4.16 -9.25 -10.46
C ASN B 83 -5.59 -8.83 -10.78
N PRO B 84 -6.30 -8.26 -9.81
CA PRO B 84 -7.70 -7.87 -10.04
C PRO B 84 -7.80 -6.86 -11.18
N ASN B 85 -8.92 -6.92 -11.91
CA ASN B 85 -9.16 -6.02 -13.02
C ASN B 85 -10.44 -5.20 -12.83
N THR B 86 -10.93 -5.11 -11.61
CA THR B 86 -11.91 -4.09 -11.21
C THR B 86 -11.40 -3.43 -9.94
N ASP B 87 -11.99 -2.29 -9.60
CA ASP B 87 -11.54 -1.56 -8.42
C ASP B 87 -11.71 -2.40 -7.16
N LEU B 88 -10.78 -2.25 -6.23
CA LEU B 88 -10.87 -2.96 -4.96
C LEU B 88 -11.81 -2.23 -4.01
N SER B 89 -12.47 -3.01 -3.13
CA SER B 89 -13.42 -2.49 -2.16
C SER B 89 -13.94 -3.61 -1.25
N GLU B 90 -14.22 -3.30 0.03
CA GLU B 90 -14.88 -4.29 0.88
C GLU B 90 -16.31 -4.59 0.41
N ASP B 91 -16.87 -3.71 -0.42
CA ASP B 91 -18.18 -3.90 -1.06
C ASP B 91 -17.95 -4.77 -2.29
N CYS B 92 -17.96 -6.09 -2.09
CA CYS B 92 -17.54 -6.98 -3.17
C CYS B 92 -18.37 -8.24 -3.31
N LEU B 93 -19.42 -8.45 -2.51
CA LEU B 93 -20.18 -9.69 -2.56
C LEU B 93 -21.18 -9.63 -3.72
N TYR B 94 -20.66 -9.83 -4.92
CA TYR B 94 -21.41 -9.93 -6.16
C TYR B 94 -21.10 -11.26 -6.83
N LEU B 95 -21.88 -11.61 -7.84
CA LEU B 95 -21.67 -12.81 -8.63
C LEU B 95 -22.03 -12.52 -10.08
N ASN B 96 -21.70 -13.49 -10.94
CA ASN B 96 -21.96 -13.39 -12.37
C ASN B 96 -22.76 -14.59 -12.84
N VAL B 97 -23.51 -14.40 -13.92
CA VAL B 97 -24.31 -15.46 -14.53
C VAL B 97 -24.22 -15.34 -16.04
N TRP B 98 -23.90 -16.45 -16.72
CA TRP B 98 -23.89 -16.52 -18.18
C TRP B 98 -24.92 -17.56 -18.63
N ILE B 99 -25.73 -17.20 -19.62
CA ILE B 99 -26.86 -18.03 -20.03
C ILE B 99 -26.85 -18.23 -21.54
N PRO B 100 -27.04 -19.45 -22.03
CA PRO B 100 -27.13 -19.65 -23.48
C PRO B 100 -28.30 -18.87 -24.07
N ALA B 101 -28.18 -18.53 -25.35
CA ALA B 101 -29.25 -17.92 -26.11
C ALA B 101 -29.57 -18.80 -27.31
N PRO B 102 -30.85 -19.17 -27.53
CA PRO B 102 -32.04 -18.77 -26.75
C PRO B 102 -32.12 -19.38 -25.35
N LYS B 103 -33.00 -18.82 -24.50
CA LYS B 103 -33.08 -19.23 -23.10
C LYS B 103 -33.22 -20.75 -23.00
N PRO B 104 -32.48 -21.39 -22.11
CA PRO B 104 -32.56 -22.84 -21.97
C PRO B 104 -33.76 -23.22 -21.10
N LYS B 105 -33.91 -24.53 -20.93
CA LYS B 105 -35.07 -25.13 -20.30
C LYS B 105 -34.79 -25.51 -18.85
N ASN B 106 -33.80 -26.38 -18.66
CA ASN B 106 -33.44 -26.90 -17.36
C ASN B 106 -31.95 -27.18 -17.38
N ALA B 107 -31.17 -26.15 -17.70
CA ALA B 107 -29.76 -26.37 -18.01
C ALA B 107 -28.96 -26.66 -16.75
N THR B 108 -28.00 -27.58 -16.88
CA THR B 108 -27.04 -27.80 -15.80
C THR B 108 -26.24 -26.54 -15.56
N VAL B 109 -25.93 -26.26 -14.28
CA VAL B 109 -25.20 -25.06 -13.88
C VAL B 109 -23.80 -25.47 -13.42
N LEU B 110 -22.79 -24.76 -13.92
CA LEU B 110 -21.41 -24.87 -13.42
C LEU B 110 -21.09 -23.62 -12.62
N ILE B 111 -20.77 -23.81 -11.33
CA ILE B 111 -20.44 -22.71 -10.43
C ILE B 111 -18.94 -22.76 -10.13
N TRP B 112 -18.25 -21.69 -10.52
CA TRP B 112 -16.80 -21.58 -10.42
C TRP B 112 -16.39 -20.87 -9.15
N ILE B 113 -15.35 -21.40 -8.50
CA ILE B 113 -14.76 -20.80 -7.30
C ILE B 113 -13.27 -20.63 -7.55
N TYR B 114 -12.83 -19.39 -7.70
CA TYR B 114 -11.44 -19.09 -8.02
C TYR B 114 -10.52 -19.34 -6.82
N GLY B 115 -9.25 -19.56 -7.13
CA GLY B 115 -8.21 -19.68 -6.14
C GLY B 115 -7.39 -18.41 -6.02
N GLY B 116 -6.19 -18.56 -5.47
CA GLY B 116 -5.42 -17.39 -5.10
C GLY B 116 -5.02 -17.45 -3.64
N GLY B 117 -4.83 -18.67 -3.12
CA GLY B 117 -4.25 -18.87 -1.81
C GLY B 117 -5.09 -18.42 -0.64
N PHE B 118 -6.39 -18.22 -0.84
CA PHE B 118 -7.32 -17.60 0.09
C PHE B 118 -6.92 -16.16 0.44
N GLN B 119 -5.95 -15.61 -0.30
CA GLN B 119 -5.45 -14.26 -0.08
C GLN B 119 -5.77 -13.32 -1.22
N THR B 120 -5.97 -13.85 -2.43
CA THR B 120 -6.13 -13.05 -3.62
C THR B 120 -7.23 -13.67 -4.47
N GLY B 121 -7.54 -13.01 -5.59
CA GLY B 121 -8.43 -13.59 -6.57
C GLY B 121 -9.70 -12.80 -6.81
N THR B 122 -10.23 -12.87 -8.02
CA THR B 122 -11.53 -12.29 -8.38
C THR B 122 -12.16 -13.12 -9.48
N SER B 123 -13.49 -13.12 -9.51
CA SER B 123 -14.25 -13.90 -10.49
C SER B 123 -14.26 -13.27 -11.88
N SER B 124 -13.71 -12.07 -12.04
CA SER B 124 -13.80 -11.33 -13.28
C SER B 124 -12.50 -11.35 -14.07
N LEU B 125 -11.61 -12.31 -13.79
CA LEU B 125 -10.40 -12.45 -14.60
C LEU B 125 -10.78 -12.97 -15.99
N HIS B 126 -9.95 -12.62 -16.99
CA HIS B 126 -10.22 -13.03 -18.36
C HIS B 126 -10.27 -14.54 -18.50
N VAL B 127 -9.46 -15.27 -17.73
CA VAL B 127 -9.40 -16.73 -17.82
C VAL B 127 -10.56 -17.41 -17.12
N TYR B 128 -11.46 -16.65 -16.49
CA TYR B 128 -12.69 -17.20 -15.91
C TYR B 128 -13.94 -16.72 -16.66
N ASP B 129 -13.78 -16.30 -17.93
CA ASP B 129 -14.89 -15.81 -18.74
C ASP B 129 -15.79 -16.98 -19.12
N GLY B 130 -17.01 -16.99 -18.60
CA GLY B 130 -17.88 -18.12 -18.86
C GLY B 130 -18.68 -18.05 -20.13
N LYS B 131 -18.46 -17.05 -20.99
CA LYS B 131 -19.30 -16.91 -22.17
C LYS B 131 -19.09 -18.07 -23.13
N PHE B 132 -17.85 -18.55 -23.29
CA PHE B 132 -17.61 -19.63 -24.23
C PHE B 132 -18.25 -20.93 -23.75
N LEU B 133 -18.26 -21.16 -22.44
CA LEU B 133 -18.82 -22.41 -21.91
C LEU B 133 -20.32 -22.50 -22.16
N ALA B 134 -21.02 -21.37 -22.09
CA ALA B 134 -22.45 -21.36 -22.35
C ALA B 134 -22.76 -21.50 -23.84
N ARG B 135 -22.00 -20.83 -24.71
CA ARG B 135 -22.23 -20.90 -26.14
C ARG B 135 -22.07 -22.31 -26.68
N VAL B 136 -21.02 -23.02 -26.22
CA VAL B 136 -20.62 -24.26 -26.86
C VAL B 136 -21.34 -25.49 -26.29
N GLU B 137 -21.70 -25.47 -25.00
CA GLU B 137 -22.30 -26.63 -24.35
C GLU B 137 -23.68 -26.35 -23.75
N ARG B 138 -24.19 -25.13 -23.89
CA ARG B 138 -25.54 -24.77 -23.43
C ARG B 138 -25.72 -25.02 -21.94
N VAL B 139 -24.74 -24.59 -21.15
CA VAL B 139 -24.79 -24.62 -19.69
C VAL B 139 -24.88 -23.18 -19.20
N ILE B 140 -25.39 -23.04 -17.99
CA ILE B 140 -25.34 -21.78 -17.26
C ILE B 140 -24.09 -21.79 -16.38
N VAL B 141 -23.33 -20.70 -16.44
CA VAL B 141 -22.09 -20.56 -15.68
C VAL B 141 -22.26 -19.44 -14.66
N VAL B 142 -21.97 -19.75 -13.40
CA VAL B 142 -22.03 -18.76 -12.32
C VAL B 142 -20.66 -18.69 -11.67
N SER B 143 -20.19 -17.48 -11.37
CA SER B 143 -19.02 -17.30 -10.53
C SER B 143 -19.29 -16.20 -9.51
N MET B 144 -18.55 -16.24 -8.40
CA MET B 144 -18.83 -15.34 -7.30
C MET B 144 -17.54 -14.78 -6.72
N ASN B 145 -17.65 -13.58 -6.15
CA ASN B 145 -16.59 -13.02 -5.32
C ASN B 145 -16.82 -13.42 -3.86
N TYR B 146 -15.72 -13.72 -3.16
CA TYR B 146 -15.77 -14.06 -1.75
C TYR B 146 -14.57 -13.42 -1.07
N ARG B 147 -14.69 -13.20 0.24
CA ARG B 147 -13.67 -12.41 0.93
C ARG B 147 -12.40 -13.23 1.13
N VAL B 148 -11.25 -12.58 0.95
CA VAL B 148 -9.96 -13.23 1.06
C VAL B 148 -9.13 -12.47 2.09
N GLY B 149 -8.00 -13.07 2.45
CA GLY B 149 -7.15 -12.51 3.49
C GLY B 149 -7.85 -12.56 4.84
N ALA B 150 -7.34 -11.72 5.76
CA ALA B 150 -7.93 -11.62 7.09
C ALA B 150 -9.38 -11.17 7.04
N LEU B 151 -9.74 -10.33 6.08
CA LEU B 151 -11.12 -9.88 5.95
C LEU B 151 -12.08 -11.02 5.67
N GLY B 152 -11.58 -12.18 5.25
CA GLY B 152 -12.43 -13.32 4.98
C GLY B 152 -12.15 -14.51 5.89
N PHE B 153 -10.96 -14.56 6.48
CA PHE B 153 -10.62 -15.77 7.24
C PHE B 153 -9.99 -15.49 8.60
N LEU B 154 -10.08 -14.27 9.12
CA LEU B 154 -9.72 -14.01 10.52
C LEU B 154 -10.59 -14.86 11.44
N ALA B 155 -9.97 -15.51 12.42
CA ALA B 155 -10.67 -16.47 13.27
C ALA B 155 -10.41 -16.20 14.75
N LEU B 156 -11.49 -15.98 15.49
CA LEU B 156 -11.52 -16.17 16.93
C LEU B 156 -12.60 -17.21 17.18
N PRO B 157 -12.25 -18.49 17.34
CA PRO B 157 -13.28 -19.55 17.32
C PRO B 157 -14.27 -19.41 18.47
N GLY B 158 -15.56 -19.47 18.12
CA GLY B 158 -16.64 -19.31 19.07
C GLY B 158 -17.29 -17.93 19.08
N ASN B 159 -16.62 -16.94 18.50
CA ASN B 159 -17.09 -15.56 18.55
C ASN B 159 -17.81 -15.21 17.25
N PRO B 160 -19.10 -14.91 17.25
CA PRO B 160 -19.79 -14.57 15.99
C PRO B 160 -19.37 -13.24 15.38
N GLU B 161 -18.50 -12.48 16.04
CA GLU B 161 -18.04 -11.21 15.47
C GLU B 161 -16.84 -11.42 14.56
N ALA B 162 -16.13 -12.54 14.69
CA ALA B 162 -15.04 -12.93 13.79
C ALA B 162 -14.86 -14.45 13.90
N PRO B 163 -15.75 -15.23 13.28
CA PRO B 163 -15.76 -16.68 13.55
C PRO B 163 -14.79 -17.50 12.72
N GLY B 164 -14.21 -16.95 11.66
CA GLY B 164 -13.47 -17.75 10.70
C GLY B 164 -14.33 -18.18 9.52
N ASN B 165 -13.65 -18.68 8.49
CA ASN B 165 -14.30 -19.27 7.32
C ASN B 165 -15.31 -18.33 6.67
N MET B 166 -15.24 -17.03 6.99
CA MET B 166 -16.24 -16.11 6.45
C MET B 166 -16.26 -16.15 4.94
N GLY B 167 -15.09 -16.35 4.31
CA GLY B 167 -15.04 -16.45 2.87
C GLY B 167 -15.69 -17.70 2.34
N LEU B 168 -15.62 -18.79 3.11
CA LEU B 168 -16.32 -20.01 2.76
C LEU B 168 -17.84 -19.82 2.84
N PHE B 169 -18.32 -19.04 3.81
CA PHE B 169 -19.76 -18.76 3.91
C PHE B 169 -20.22 -17.82 2.80
N ASP B 170 -19.40 -16.82 2.46
CA ASP B 170 -19.61 -16.05 1.24
C ASP B 170 -19.94 -16.96 0.05
N GLN B 171 -19.11 -17.99 -0.15
CA GLN B 171 -19.35 -18.93 -1.23
C GLN B 171 -20.65 -19.70 -1.02
N GLN B 172 -20.92 -20.11 0.22
CA GLN B 172 -22.14 -20.87 0.49
C GLN B 172 -23.38 -20.03 0.25
N LEU B 173 -23.32 -18.74 0.58
CA LEU B 173 -24.47 -17.89 0.34
C LEU B 173 -24.71 -17.65 -1.16
N ALA B 174 -23.64 -17.68 -1.97
CA ALA B 174 -23.81 -17.64 -3.41
C ALA B 174 -24.40 -18.94 -3.94
N LEU B 175 -23.95 -20.07 -3.41
CA LEU B 175 -24.60 -21.34 -3.76
C LEU B 175 -26.08 -21.30 -3.38
N GLN B 176 -26.39 -20.70 -2.22
CA GLN B 176 -27.76 -20.58 -1.77
C GLN B 176 -28.59 -19.74 -2.75
N TRP B 177 -28.02 -18.61 -3.18
CA TRP B 177 -28.65 -17.76 -4.19
C TRP B 177 -29.04 -18.57 -5.43
N VAL B 178 -28.14 -19.45 -5.89
CA VAL B 178 -28.39 -20.23 -7.11
C VAL B 178 -29.58 -21.16 -6.92
N GLN B 179 -29.68 -21.80 -5.76
CA GLN B 179 -30.82 -22.69 -5.51
C GLN B 179 -32.15 -21.94 -5.55
N LYS B 180 -32.15 -20.68 -5.13
CA LYS B 180 -33.39 -19.91 -5.04
C LYS B 180 -33.63 -19.03 -6.26
N ASN B 181 -32.70 -18.95 -7.20
CA ASN B 181 -32.84 -18.03 -8.33
C ASN B 181 -32.46 -18.60 -9.68
N ILE B 182 -31.75 -19.72 -9.77
CA ILE B 182 -31.26 -20.12 -11.08
C ILE B 182 -32.39 -20.60 -11.99
N ALA B 183 -33.55 -20.96 -11.40
CA ALA B 183 -34.67 -21.40 -12.22
C ALA B 183 -35.26 -20.22 -13.01
N ALA B 184 -35.40 -19.06 -12.37
CA ALA B 184 -35.84 -17.85 -13.06
C ALA B 184 -34.98 -17.51 -14.27
N PHE B 185 -33.76 -18.07 -14.35
CA PHE B 185 -32.85 -17.79 -15.45
C PHE B 185 -32.86 -18.88 -16.51
N GLY B 186 -33.41 -20.05 -16.20
CA GLY B 186 -33.35 -21.20 -17.07
C GLY B 186 -32.49 -22.35 -16.61
N GLY B 187 -32.09 -22.38 -15.34
CA GLY B 187 -31.23 -23.44 -14.85
C GLY B 187 -31.92 -24.42 -13.92
N ASN B 188 -31.29 -25.58 -13.73
CA ASN B 188 -31.84 -26.65 -12.91
C ASN B 188 -31.20 -26.66 -11.51
N PRO B 189 -31.88 -26.16 -10.47
CA PRO B 189 -31.26 -26.16 -9.13
C PRO B 189 -30.82 -27.54 -8.66
N LYS B 190 -31.34 -28.61 -9.25
CA LYS B 190 -31.01 -29.97 -8.86
C LYS B 190 -29.99 -30.60 -9.79
N SER B 191 -29.29 -29.79 -10.59
CA SER B 191 -28.16 -30.20 -11.45
C SER B 191 -27.15 -29.05 -11.40
N VAL B 192 -26.32 -29.06 -10.35
CA VAL B 192 -25.32 -28.03 -10.13
C VAL B 192 -23.99 -28.69 -9.82
N THR B 193 -22.92 -28.21 -10.44
CA THR B 193 -21.58 -28.76 -10.28
C THR B 193 -20.64 -27.64 -9.87
N LEU B 194 -19.94 -27.82 -8.75
CA LEU B 194 -18.91 -26.88 -8.34
C LEU B 194 -17.62 -27.23 -9.03
N PHE B 195 -16.92 -26.23 -9.54
CA PHE B 195 -15.55 -26.44 -9.98
C PHE B 195 -14.71 -25.22 -9.62
N GLY B 196 -13.43 -25.49 -9.38
CA GLY B 196 -12.50 -24.47 -8.94
C GLY B 196 -11.09 -25.00 -9.04
N GLU B 197 -10.14 -24.10 -8.90
CA GLU B 197 -8.73 -24.45 -9.03
C GLU B 197 -7.96 -23.94 -7.82
N SER B 198 -7.00 -24.75 -7.36
CA SER B 198 -6.12 -24.35 -6.26
C SER B 198 -6.90 -24.12 -4.98
N ALA B 199 -6.95 -22.87 -4.53
CA ALA B 199 -7.71 -22.60 -3.31
C ALA B 199 -9.19 -22.75 -3.59
N GLY B 200 -9.59 -22.57 -4.85
CA GLY B 200 -10.98 -22.84 -5.23
C GLY B 200 -11.31 -24.32 -5.24
N ALA B 201 -10.37 -25.15 -5.70
CA ALA B 201 -10.56 -26.59 -5.60
C ALA B 201 -10.62 -27.02 -4.14
N ALA B 202 -9.71 -26.52 -3.30
CA ALA B 202 -9.75 -26.84 -1.88
C ALA B 202 -11.06 -26.39 -1.27
N SER B 203 -11.54 -25.22 -1.68
CA SER B 203 -12.84 -24.75 -1.23
C SER B 203 -13.94 -25.72 -1.63
N VAL B 204 -13.93 -26.14 -2.91
CA VAL B 204 -14.92 -27.08 -3.41
C VAL B 204 -14.95 -28.34 -2.56
N SER B 205 -13.76 -28.89 -2.26
CA SER B 205 -13.69 -30.11 -1.44
C SER B 205 -14.17 -29.86 -0.01
N LEU B 206 -14.07 -28.62 0.49
CA LEU B 206 -14.62 -28.32 1.81
C LEU B 206 -16.14 -28.24 1.77
N HIS B 207 -16.73 -27.80 0.65
CA HIS B 207 -18.17 -27.88 0.53
C HIS B 207 -18.65 -29.33 0.51
N LEU B 208 -17.82 -30.26 0.01
CA LEU B 208 -18.17 -31.67 0.10
C LEU B 208 -18.27 -32.15 1.54
N LEU B 209 -17.62 -31.48 2.50
CA LEU B 209 -17.66 -31.90 3.89
C LEU B 209 -18.70 -31.16 4.75
N SER B 210 -18.96 -29.88 4.47
CA SER B 210 -19.80 -29.09 5.37
C SER B 210 -21.27 -29.42 5.17
N PRO B 211 -21.99 -29.84 6.22
CA PRO B 211 -23.42 -30.20 6.04
C PRO B 211 -24.28 -29.07 5.49
N GLY B 212 -24.04 -27.82 5.91
CA GLY B 212 -24.84 -26.72 5.41
C GLY B 212 -24.80 -26.58 3.90
N SER B 213 -23.75 -27.10 3.27
CA SER B 213 -23.60 -26.99 1.83
C SER B 213 -24.10 -28.21 1.06
N HIS B 214 -24.49 -29.28 1.75
CA HIS B 214 -24.74 -30.56 1.07
C HIS B 214 -25.87 -30.45 0.05
N SER B 215 -26.95 -29.77 0.40
CA SER B 215 -28.10 -29.67 -0.48
C SER B 215 -27.98 -28.59 -1.54
N LEU B 216 -26.81 -27.95 -1.71
CA LEU B 216 -26.69 -26.80 -2.58
C LEU B 216 -25.99 -27.09 -3.91
N PHE B 217 -25.56 -28.33 -4.13
CA PHE B 217 -24.92 -28.72 -5.39
C PHE B 217 -24.99 -30.24 -5.55
N THR B 218 -24.72 -30.69 -6.77
CA THR B 218 -24.76 -32.12 -7.10
C THR B 218 -23.37 -32.74 -7.13
N ARG B 219 -22.45 -32.20 -7.93
CA ARG B 219 -21.14 -32.80 -8.18
C ARG B 219 -20.05 -31.76 -8.01
N ALA B 220 -18.80 -32.24 -8.00
CA ALA B 220 -17.64 -31.43 -7.68
C ALA B 220 -16.49 -31.73 -8.65
N ILE B 221 -15.80 -30.67 -9.07
CA ILE B 221 -14.56 -30.79 -9.84
C ILE B 221 -13.46 -30.06 -9.09
N LEU B 222 -12.32 -30.72 -8.91
CA LEU B 222 -11.22 -30.21 -8.10
C LEU B 222 -9.97 -30.13 -8.98
N GLN B 223 -9.63 -28.92 -9.41
CA GLN B 223 -8.46 -28.68 -10.26
C GLN B 223 -7.28 -28.21 -9.40
N SER B 224 -6.22 -29.02 -9.36
CA SER B 224 -4.96 -28.67 -8.67
C SER B 224 -5.20 -28.19 -7.23
N GLY B 225 -5.93 -28.98 -6.45
CA GLY B 225 -6.16 -28.61 -5.06
C GLY B 225 -7.17 -29.45 -4.29
N SER B 226 -6.99 -29.53 -2.97
CA SER B 226 -7.91 -30.26 -2.10
C SER B 226 -7.56 -29.93 -0.65
N PHE B 227 -8.54 -30.13 0.23
CA PHE B 227 -8.41 -29.63 1.60
C PHE B 227 -7.30 -30.32 2.38
N ASN B 228 -6.91 -31.52 1.99
CA ASN B 228 -5.83 -32.21 2.70
C ASN B 228 -4.44 -31.77 2.23
N ALA B 229 -4.35 -30.73 1.40
CA ALA B 229 -3.04 -30.22 1.03
C ALA B 229 -2.42 -29.51 2.24
N PRO B 230 -1.09 -29.52 2.38
CA PRO B 230 -0.48 -28.93 3.58
C PRO B 230 -0.83 -27.47 3.79
N TRP B 231 -1.09 -26.73 2.72
CA TRP B 231 -1.39 -25.32 2.79
C TRP B 231 -2.87 -24.99 2.98
N ALA B 232 -3.75 -25.99 3.07
CA ALA B 232 -5.17 -25.71 2.89
C ALA B 232 -5.89 -25.35 4.18
N VAL B 233 -5.48 -25.86 5.34
CA VAL B 233 -6.24 -25.63 6.57
C VAL B 233 -5.28 -25.19 7.66
N THR B 234 -5.65 -24.12 8.36
CA THR B 234 -4.93 -23.66 9.53
C THR B 234 -5.52 -24.30 10.78
N SER B 235 -4.66 -24.86 11.62
CA SER B 235 -5.14 -25.42 12.87
C SER B 235 -5.58 -24.30 13.80
N LEU B 236 -6.42 -24.66 14.78
CA LEU B 236 -6.96 -23.64 15.68
C LEU B 236 -5.87 -22.91 16.45
N TYR B 237 -4.77 -23.60 16.74
CA TYR B 237 -3.65 -22.95 17.43
C TYR B 237 -3.06 -21.85 16.58
N GLU B 238 -2.51 -22.21 15.41
CA GLU B 238 -1.87 -21.20 14.57
C GLU B 238 -2.84 -20.10 14.14
N ALA B 239 -4.14 -20.42 14.03
CA ALA B 239 -5.10 -19.37 13.68
C ALA B 239 -5.20 -18.33 14.77
N ARG B 240 -5.12 -18.76 16.04
CA ARG B 240 -5.19 -17.82 17.15
C ARG B 240 -3.88 -17.03 17.28
N ASN B 241 -2.75 -17.70 17.06
CA ASN B 241 -1.46 -17.02 17.11
C ASN B 241 -1.33 -16.00 15.98
N ARG B 242 -1.92 -16.27 14.83
CA ARG B 242 -1.87 -15.31 13.74
C ARG B 242 -2.86 -14.17 13.94
N THR B 243 -3.99 -14.41 14.62
CA THR B 243 -4.91 -13.31 14.89
C THR B 243 -4.33 -12.36 15.94
N LEU B 244 -3.69 -12.89 16.97
CA LEU B 244 -3.09 -12.02 17.97
C LEU B 244 -1.89 -11.25 17.41
N ASN B 245 -1.14 -11.85 16.48
CA ASN B 245 -0.03 -11.14 15.83
C ASN B 245 -0.53 -9.98 15.00
N LEU B 246 -1.67 -10.15 14.32
CA LEU B 246 -2.19 -9.07 13.48
C LEU B 246 -2.63 -7.89 14.33
N ALA B 247 -3.21 -8.16 15.50
CA ALA B 247 -3.57 -7.09 16.42
C ALA B 247 -2.33 -6.34 16.90
N LYS B 248 -1.30 -7.08 17.29
CA LYS B 248 -0.05 -6.45 17.71
C LYS B 248 0.50 -5.56 16.60
N LEU B 249 0.45 -6.03 15.36
CA LEU B 249 1.01 -5.27 14.24
C LEU B 249 0.18 -4.03 13.90
N THR B 250 -1.09 -3.98 14.28
CA THR B 250 -1.96 -2.84 13.97
C THR B 250 -2.25 -1.96 15.17
N GLY B 251 -1.61 -2.20 16.31
CA GLY B 251 -1.93 -1.46 17.50
C GLY B 251 -3.26 -1.81 18.12
N CYS B 252 -3.76 -3.02 17.86
CA CYS B 252 -5.07 -3.47 18.33
C CYS B 252 -5.00 -4.54 19.41
N SER B 253 -3.80 -4.79 19.97
CA SER B 253 -3.68 -5.71 21.09
C SER B 253 -4.53 -5.22 22.26
N ARG B 254 -5.52 -6.01 22.64
CA ARG B 254 -6.45 -5.71 23.71
C ARG B 254 -6.47 -6.88 24.68
N GLU B 255 -7.30 -6.74 25.73
CA GLU B 255 -7.36 -7.75 26.79
C GLU B 255 -8.41 -8.82 26.55
N ASN B 256 -9.49 -8.51 25.82
CA ASN B 256 -10.48 -9.51 25.45
C ASN B 256 -10.75 -9.42 23.95
N GLU B 257 -11.41 -10.47 23.43
CA GLU B 257 -11.57 -10.60 21.99
C GLU B 257 -12.50 -9.52 21.43
N THR B 258 -13.60 -9.23 22.12
CA THR B 258 -14.58 -8.28 21.60
C THR B 258 -13.96 -6.92 21.31
N GLU B 259 -12.99 -6.50 22.13
CA GLU B 259 -12.33 -5.22 21.91
C GLU B 259 -11.29 -5.28 20.80
N ILE B 260 -10.64 -6.44 20.59
CA ILE B 260 -9.72 -6.59 19.47
C ILE B 260 -10.46 -6.41 18.14
N ILE B 261 -11.70 -6.90 18.08
CA ILE B 261 -12.47 -6.78 16.85
C ILE B 261 -12.99 -5.36 16.66
N LYS B 262 -13.37 -4.70 17.75
CA LYS B 262 -13.76 -3.29 17.64
C LYS B 262 -12.61 -2.46 17.11
N CYS B 263 -11.39 -2.77 17.54
CA CYS B 263 -10.23 -2.03 17.07
C CYS B 263 -9.92 -2.36 15.62
N LEU B 264 -9.97 -3.64 15.25
CA LEU B 264 -9.68 -4.02 13.86
C LEU B 264 -10.75 -3.53 12.90
N ARG B 265 -11.99 -3.36 13.38
CA ARG B 265 -13.04 -2.81 12.52
C ARG B 265 -12.83 -1.33 12.22
N ASN B 266 -11.98 -0.64 12.99
CA ASN B 266 -11.71 0.76 12.75
C ASN B 266 -10.34 0.99 12.11
N LYS B 267 -9.71 -0.05 11.60
CA LYS B 267 -8.45 0.08 10.88
C LYS B 267 -8.73 0.25 9.40
N ASP B 268 -7.96 1.11 8.74
CA ASP B 268 -8.09 1.26 7.31
C ASP B 268 -7.79 -0.08 6.63
N PRO B 269 -8.62 -0.51 5.67
CA PRO B 269 -8.37 -1.81 5.01
C PRO B 269 -6.93 -2.04 4.60
N GLN B 270 -6.22 -1.01 4.13
CA GLN B 270 -4.82 -1.19 3.76
C GLN B 270 -3.95 -1.50 4.97
N GLU B 271 -4.35 -1.06 6.17
CA GLU B 271 -3.56 -1.35 7.36
C GLU B 271 -3.76 -2.77 7.85
N ILE B 272 -4.86 -3.40 7.46
CA ILE B 272 -4.98 -4.85 7.63
C ILE B 272 -4.22 -5.57 6.52
N LEU B 273 -4.48 -5.21 5.27
CA LEU B 273 -3.86 -5.89 4.14
C LEU B 273 -2.34 -5.90 4.24
N LEU B 274 -1.74 -4.75 4.56
CA LEU B 274 -0.29 -4.62 4.50
C LEU B 274 0.42 -5.20 5.71
N ASN B 275 -0.30 -5.77 6.68
CA ASN B 275 0.32 -6.47 7.80
C ASN B 275 0.12 -7.97 7.74
N GLU B 276 -0.69 -8.46 6.80
CA GLU B 276 -0.96 -9.90 6.73
C GLU B 276 0.32 -10.70 6.48
N ALA B 277 1.33 -10.11 5.83
CA ALA B 277 2.56 -10.82 5.53
C ALA B 277 3.38 -11.19 6.77
N PHE B 278 3.25 -10.46 7.87
CA PHE B 278 4.12 -10.60 9.03
C PHE B 278 3.50 -11.41 10.17
N VAL B 279 2.34 -12.04 9.97
CA VAL B 279 1.70 -12.75 11.06
C VAL B 279 2.32 -14.12 11.29
N VAL B 280 3.01 -14.67 10.31
CA VAL B 280 3.75 -15.93 10.45
C VAL B 280 5.23 -15.62 10.33
N PRO B 281 6.09 -16.10 11.26
CA PRO B 281 7.50 -15.73 11.22
C PRO B 281 8.31 -16.49 10.17
N TYR B 282 7.97 -17.76 9.95
CA TYR B 282 8.71 -18.64 9.05
C TYR B 282 7.83 -19.02 7.86
N GLY B 283 7.57 -18.03 7.00
CA GLY B 283 6.73 -18.28 5.85
C GLY B 283 7.47 -18.79 4.63
N THR B 284 6.71 -19.41 3.74
CA THR B 284 7.23 -19.91 2.48
C THR B 284 6.44 -19.28 1.34
N PRO B 285 6.87 -19.41 0.08
CA PRO B 285 6.04 -18.90 -1.03
C PRO B 285 4.63 -19.50 -1.09
N LEU B 286 4.37 -20.58 -0.36
CA LEU B 286 3.05 -21.19 -0.30
C LEU B 286 2.34 -20.90 1.02
N SER B 287 2.81 -19.91 1.77
CA SER B 287 2.19 -19.60 3.05
C SER B 287 0.78 -19.08 2.84
N VAL B 288 -0.16 -19.63 3.63
CA VAL B 288 -1.53 -19.17 3.65
C VAL B 288 -1.74 -18.52 5.01
N ASN B 289 -1.66 -17.19 5.03
CA ASN B 289 -1.69 -16.44 6.29
C ASN B 289 -3.01 -16.62 7.03
N PHE B 290 -4.13 -16.29 6.38
CA PHE B 290 -5.47 -16.52 6.92
C PHE B 290 -6.25 -17.40 5.94
N GLY B 291 -6.56 -18.62 6.36
CA GLY B 291 -7.33 -19.53 5.54
C GLY B 291 -8.36 -20.28 6.34
N PRO B 292 -8.93 -21.32 5.75
CA PRO B 292 -9.97 -22.08 6.45
C PRO B 292 -9.47 -22.65 7.76
N THR B 293 -10.36 -22.70 8.75
CA THR B 293 -10.08 -23.30 10.06
C THR B 293 -11.24 -24.18 10.47
N VAL B 294 -11.07 -24.85 11.61
CA VAL B 294 -12.13 -25.66 12.21
C VAL B 294 -12.97 -24.72 13.08
N ASP B 295 -14.02 -24.17 12.49
CA ASP B 295 -14.74 -23.08 13.12
C ASP B 295 -15.87 -23.54 14.03
N GLY B 296 -16.18 -24.84 14.04
CA GLY B 296 -17.34 -25.36 14.74
C GLY B 296 -18.66 -25.08 14.07
N ASP B 297 -18.65 -24.57 12.84
CA ASP B 297 -19.88 -24.18 12.15
C ASP B 297 -19.81 -24.70 10.73
N PHE B 298 -18.93 -24.12 9.91
CA PHE B 298 -18.71 -24.63 8.57
C PHE B 298 -18.00 -25.99 8.62
N LEU B 299 -17.05 -26.14 9.55
CA LEU B 299 -16.36 -27.40 9.79
C LEU B 299 -16.56 -27.76 11.26
N THR B 300 -17.33 -28.82 11.52
CA THR B 300 -17.53 -29.26 12.90
C THR B 300 -16.32 -30.00 13.45
N ASP B 301 -15.41 -30.47 12.59
CA ASP B 301 -14.24 -31.21 13.04
C ASP B 301 -13.08 -31.00 12.08
N MET B 302 -11.96 -31.65 12.36
CA MET B 302 -10.78 -31.54 11.51
C MET B 302 -11.05 -32.27 10.19
N PRO B 303 -10.72 -31.69 9.04
CA PRO B 303 -11.19 -32.25 7.76
C PRO B 303 -10.75 -33.69 7.51
N ASP B 304 -9.54 -34.05 7.93
CA ASP B 304 -9.07 -35.42 7.70
C ASP B 304 -9.87 -36.42 8.53
N ILE B 305 -10.25 -36.04 9.74
CA ILE B 305 -11.09 -36.91 10.55
C ILE B 305 -12.44 -37.12 9.87
N LEU B 306 -13.07 -36.03 9.40
CA LEU B 306 -14.32 -36.17 8.65
C LEU B 306 -14.16 -37.10 7.46
N LEU B 307 -13.02 -37.03 6.78
CA LEU B 307 -12.85 -37.80 5.55
C LEU B 307 -12.75 -39.29 5.84
N GLU B 308 -11.88 -39.68 6.77
CA GLU B 308 -11.73 -41.09 7.11
C GLU B 308 -13.05 -41.69 7.60
N LEU B 309 -13.82 -40.93 8.37
CA LEU B 309 -15.06 -41.43 8.97
C LEU B 309 -16.24 -41.48 8.01
N GLY B 310 -16.13 -40.88 6.83
CA GLY B 310 -17.23 -40.93 5.87
C GLY B 310 -18.38 -39.97 6.14
N GLN B 311 -18.10 -38.83 6.76
CA GLN B 311 -19.13 -37.86 7.09
C GLN B 311 -19.07 -36.71 6.08
N PHE B 312 -19.51 -36.99 4.86
CA PHE B 312 -19.50 -35.99 3.81
C PHE B 312 -20.55 -36.29 2.76
N LYS B 313 -20.69 -35.36 1.82
CA LYS B 313 -21.60 -35.55 0.70
C LYS B 313 -21.07 -36.63 -0.22
N LYS B 314 -21.92 -37.61 -0.55
CA LYS B 314 -21.58 -38.71 -1.45
C LYS B 314 -22.07 -38.36 -2.85
N THR B 315 -21.15 -38.25 -3.80
CA THR B 315 -21.48 -37.94 -5.19
C THR B 315 -20.26 -38.21 -6.06
N GLN B 316 -20.37 -37.87 -7.34
CA GLN B 316 -19.26 -38.05 -8.27
C GLN B 316 -18.30 -36.88 -8.14
N ILE B 317 -17.01 -37.15 -8.34
CA ILE B 317 -16.01 -36.09 -8.33
C ILE B 317 -15.08 -36.28 -9.52
N LEU B 318 -14.56 -35.17 -10.01
CA LEU B 318 -13.55 -35.13 -11.05
C LEU B 318 -12.39 -34.32 -10.48
N VAL B 319 -11.19 -34.92 -10.48
CA VAL B 319 -10.04 -34.39 -9.75
C VAL B 319 -8.82 -34.50 -10.66
N GLY B 320 -7.94 -33.51 -10.61
CA GLY B 320 -6.73 -33.63 -11.40
C GLY B 320 -5.66 -32.64 -11.00
N VAL B 321 -4.50 -32.78 -11.64
CA VAL B 321 -3.34 -31.93 -11.41
C VAL B 321 -2.65 -31.68 -12.74
N ASN B 322 -1.74 -30.71 -12.76
CA ASN B 322 -0.87 -30.41 -13.88
C ASN B 322 0.49 -31.06 -13.66
N LYS B 323 1.32 -31.05 -14.72
CA LYS B 323 2.59 -31.77 -14.64
C LYS B 323 3.64 -31.01 -13.85
N ASP B 324 3.63 -29.69 -13.94
CA ASP B 324 4.68 -28.92 -13.29
C ASP B 324 4.09 -27.93 -12.28
N GLU B 325 3.38 -28.48 -11.29
CA GLU B 325 2.67 -27.66 -10.31
C GLU B 325 3.63 -26.78 -9.52
N GLY B 326 4.86 -27.24 -9.28
CA GLY B 326 5.72 -26.60 -8.31
C GLY B 326 6.52 -25.43 -8.83
N THR B 327 6.69 -25.32 -10.15
CA THR B 327 7.61 -24.32 -10.70
C THR B 327 7.19 -22.90 -10.35
N ALA B 328 5.89 -22.61 -10.41
CA ALA B 328 5.43 -21.23 -10.23
C ALA B 328 6.02 -20.61 -8.97
N PHE B 329 6.15 -21.40 -7.91
CA PHE B 329 6.58 -20.89 -6.63
C PHE B 329 8.10 -20.77 -6.50
N LEU B 330 8.86 -21.37 -7.41
CA LEU B 330 10.32 -21.34 -7.31
C LEU B 330 10.89 -19.96 -7.61
N VAL B 331 10.15 -19.12 -8.33
CA VAL B 331 10.63 -17.79 -8.68
C VAL B 331 10.17 -16.74 -7.67
N TYR B 332 9.60 -17.17 -6.53
CA TYR B 332 9.16 -16.28 -5.46
C TYR B 332 9.90 -16.56 -4.15
N GLY B 333 11.20 -16.83 -4.22
CA GLY B 333 11.94 -17.08 -3.00
C GLY B 333 13.16 -17.98 -3.14
N ALA B 334 13.05 -19.08 -3.88
CA ALA B 334 14.16 -20.01 -3.97
C ALA B 334 15.36 -19.31 -4.61
N PRO B 335 16.58 -19.58 -4.12
CA PRO B 335 17.76 -18.89 -4.67
C PRO B 335 18.27 -19.54 -5.93
N GLY B 336 18.70 -18.71 -6.89
CA GLY B 336 19.16 -19.17 -8.17
C GLY B 336 18.09 -19.26 -9.24
N PHE B 337 16.82 -19.18 -8.87
CA PHE B 337 15.72 -19.29 -9.80
C PHE B 337 15.28 -17.92 -10.26
N SER B 338 14.98 -17.81 -11.55
CA SER B 338 14.51 -16.58 -12.16
C SER B 338 13.70 -16.91 -13.40
N LYS B 339 12.71 -16.08 -13.68
CA LYS B 339 11.94 -16.22 -14.91
C LYS B 339 12.71 -15.74 -16.14
N ASP B 340 13.89 -15.17 -15.94
CA ASP B 340 14.66 -14.52 -17.02
C ASP B 340 15.95 -15.25 -17.37
N ASN B 341 16.24 -16.40 -16.74
CA ASN B 341 17.33 -17.25 -17.18
C ASN B 341 16.88 -18.70 -17.01
N ASN B 342 17.79 -19.64 -17.28
CA ASN B 342 17.43 -21.05 -17.33
C ASN B 342 17.45 -21.73 -15.95
N SER B 343 17.91 -21.02 -14.93
CA SER B 343 17.74 -21.40 -13.52
C SER B 343 18.42 -22.72 -13.18
N ILE B 344 19.57 -22.98 -13.80
CA ILE B 344 20.38 -24.12 -13.41
C ILE B 344 20.91 -23.88 -12.00
N ILE B 345 20.83 -24.92 -11.16
CA ILE B 345 21.21 -24.80 -9.76
C ILE B 345 22.00 -26.03 -9.33
N THR B 346 22.74 -25.87 -8.24
CA THR B 346 23.67 -26.87 -7.72
C THR B 346 23.07 -27.57 -6.51
N ARG B 347 23.74 -28.66 -6.09
CA ARG B 347 23.27 -29.43 -4.95
C ARG B 347 23.20 -28.56 -3.69
N LYS B 348 24.14 -27.64 -3.53
CA LYS B 348 24.08 -26.72 -2.39
C LYS B 348 22.92 -25.75 -2.53
N GLU B 349 22.69 -25.23 -3.75
CA GLU B 349 21.55 -24.37 -3.98
C GLU B 349 20.23 -25.12 -3.83
N PHE B 350 20.19 -26.41 -4.19
CA PHE B 350 19.02 -27.24 -3.94
C PHE B 350 18.76 -27.37 -2.44
N GLN B 351 19.81 -27.57 -1.65
CA GLN B 351 19.64 -27.61 -0.20
C GLN B 351 19.12 -26.28 0.33
N GLU B 352 19.45 -25.16 -0.33
CA GLU B 352 18.97 -23.86 0.15
C GLU B 352 17.51 -23.63 -0.24
N GLY B 353 17.10 -24.11 -1.41
CA GLY B 353 15.69 -24.10 -1.76
C GLY B 353 14.84 -24.92 -0.79
N LEU B 354 15.33 -26.10 -0.41
CA LEU B 354 14.58 -26.90 0.56
C LEU B 354 14.39 -26.14 1.87
N LYS B 355 15.42 -25.41 2.32
CA LYS B 355 15.29 -24.68 3.59
C LYS B 355 14.17 -23.65 3.51
N ILE B 356 13.97 -23.06 2.33
CA ILE B 356 12.97 -22.03 2.12
C ILE B 356 11.56 -22.58 2.13
N PHE B 357 11.38 -23.81 1.63
CA PHE B 357 10.07 -24.44 1.58
C PHE B 357 9.79 -25.34 2.77
N PHE B 358 10.81 -25.75 3.51
CA PHE B 358 10.64 -26.61 4.68
C PHE B 358 11.41 -26.03 5.86
N PRO B 359 11.02 -24.84 6.34
CA PRO B 359 11.86 -24.16 7.34
C PRO B 359 11.85 -24.84 8.71
N GLY B 360 10.83 -25.64 9.02
CA GLY B 360 10.77 -26.31 10.31
C GLY B 360 11.27 -27.73 10.33
N VAL B 361 11.93 -28.18 9.27
CA VAL B 361 12.28 -29.58 9.10
C VAL B 361 13.74 -29.77 9.45
N SER B 362 14.06 -30.89 10.11
CA SER B 362 15.43 -31.16 10.53
C SER B 362 16.34 -31.37 9.32
N GLU B 363 17.64 -31.21 9.55
CA GLU B 363 18.61 -31.48 8.50
C GLU B 363 18.54 -32.93 8.04
N PHE B 364 18.24 -33.85 8.96
CA PHE B 364 18.01 -35.23 8.59
C PHE B 364 16.85 -35.35 7.61
N GLY B 365 15.72 -34.70 7.93
CA GLY B 365 14.56 -34.78 7.05
C GLY B 365 14.80 -34.15 5.70
N LYS B 366 15.46 -32.98 5.68
CA LYS B 366 15.84 -32.36 4.41
C LYS B 366 16.81 -33.25 3.64
N GLU B 367 17.67 -33.98 4.34
CA GLU B 367 18.53 -34.94 3.67
C GLU B 367 17.72 -36.04 2.99
N SER B 368 16.69 -36.55 3.67
CA SER B 368 15.92 -37.65 3.10
C SER B 368 15.14 -37.21 1.88
N ILE B 369 14.56 -36.00 1.91
CA ILE B 369 13.93 -35.44 0.70
C ILE B 369 14.92 -35.44 -0.45
N LEU B 370 16.06 -34.78 -0.24
CA LEU B 370 17.14 -34.75 -1.22
C LEU B 370 17.43 -36.14 -1.78
N PHE B 371 17.68 -37.11 -0.89
CA PHE B 371 18.08 -38.44 -1.34
C PHE B 371 17.00 -39.09 -2.20
N HIS B 372 15.73 -38.86 -1.89
CA HIS B 372 14.65 -39.52 -2.62
C HIS B 372 14.49 -38.96 -4.02
N TYR B 373 14.89 -37.71 -4.24
CA TYR B 373 14.70 -37.00 -5.50
C TYR B 373 15.97 -36.85 -6.30
N THR B 374 16.99 -37.71 -6.05
CA THR B 374 18.26 -37.58 -6.74
C THR B 374 18.71 -38.91 -7.35
N ASP B 375 17.81 -39.88 -7.47
CA ASP B 375 18.13 -41.14 -8.15
C ASP B 375 18.02 -40.92 -9.66
N TRP B 376 18.95 -40.10 -10.15
CA TRP B 376 18.92 -39.62 -11.53
C TRP B 376 18.86 -40.76 -12.54
N VAL B 377 18.01 -40.59 -13.55
CA VAL B 377 18.05 -41.48 -14.70
C VAL B 377 19.30 -41.21 -15.53
N ASP B 378 19.70 -39.95 -15.66
CA ASP B 378 20.87 -39.53 -16.42
C ASP B 378 21.71 -38.59 -15.55
N ASP B 379 22.83 -39.11 -15.03
CA ASP B 379 23.69 -38.37 -14.09
C ASP B 379 24.29 -37.11 -14.68
N GLN B 380 24.24 -36.93 -16.00
CA GLN B 380 24.96 -35.85 -16.67
C GLN B 380 24.15 -34.58 -16.81
N ARG B 381 22.85 -34.71 -17.04
CA ARG B 381 21.94 -33.59 -17.32
C ARG B 381 22.07 -32.50 -16.26
N PRO B 382 22.53 -31.30 -16.63
CA PRO B 382 22.70 -30.23 -15.62
C PRO B 382 21.39 -29.67 -15.07
N GLU B 383 20.24 -30.00 -15.66
CA GLU B 383 18.94 -29.53 -15.19
C GLU B 383 18.33 -30.41 -14.11
N ASN B 384 19.10 -31.37 -13.57
CA ASN B 384 18.56 -32.33 -12.61
C ASN B 384 18.03 -31.64 -11.35
N TYR B 385 18.86 -30.83 -10.69
CA TYR B 385 18.45 -30.27 -9.41
C TYR B 385 17.33 -29.25 -9.55
N ARG B 386 17.34 -28.48 -10.65
CA ARG B 386 16.22 -27.58 -10.94
C ARG B 386 14.92 -28.34 -11.09
N GLU B 387 14.94 -29.48 -11.78
CA GLU B 387 13.72 -30.28 -11.94
C GLU B 387 13.34 -30.99 -10.65
N ALA B 388 14.30 -31.32 -9.80
CA ALA B 388 13.94 -32.05 -8.58
C ALA B 388 13.24 -31.13 -7.58
N LEU B 389 13.58 -29.86 -7.54
CA LEU B 389 13.01 -28.97 -6.53
C LEU B 389 11.56 -28.62 -6.86
N GLY B 390 11.29 -28.24 -8.12
CA GLY B 390 9.93 -28.04 -8.54
C GLY B 390 9.09 -29.30 -8.44
N ASP B 391 9.72 -30.48 -8.54
CA ASP B 391 8.99 -31.73 -8.33
C ASP B 391 8.74 -31.98 -6.86
N VAL B 392 9.66 -31.56 -6.00
CA VAL B 392 9.44 -31.64 -4.57
C VAL B 392 8.26 -30.75 -4.17
N VAL B 393 8.30 -29.50 -4.61
CA VAL B 393 7.24 -28.56 -4.25
C VAL B 393 5.90 -29.00 -4.83
N GLY B 394 5.89 -29.43 -6.09
CA GLY B 394 4.65 -29.87 -6.69
C GLY B 394 4.11 -31.17 -6.10
N ASP B 395 4.98 -32.14 -5.83
CA ASP B 395 4.49 -33.42 -5.31
C ASP B 395 3.90 -33.26 -3.92
N TYR B 396 4.60 -32.51 -3.06
CA TYR B 396 4.19 -32.39 -1.66
C TYR B 396 2.93 -31.53 -1.51
N ASN B 397 2.87 -30.42 -2.27
CA ASN B 397 1.82 -29.44 -2.10
C ASN B 397 0.55 -29.74 -2.90
N PHE B 398 0.66 -30.38 -4.06
CA PHE B 398 -0.50 -30.50 -4.93
C PHE B 398 -0.77 -31.93 -5.37
N ILE B 399 0.21 -32.57 -6.03
CA ILE B 399 -0.03 -33.87 -6.67
C ILE B 399 -0.42 -34.91 -5.63
N CYS B 400 0.47 -35.19 -4.68
CA CYS B 400 0.24 -36.30 -3.75
C CYS B 400 -0.98 -36.11 -2.85
N PRO B 401 -1.30 -34.90 -2.35
CA PRO B 401 -2.60 -34.75 -1.65
C PRO B 401 -3.80 -35.08 -2.53
N ALA B 402 -3.79 -34.66 -3.81
CA ALA B 402 -4.95 -34.88 -4.67
C ALA B 402 -5.16 -36.37 -4.95
N LEU B 403 -4.07 -37.12 -5.13
CA LEU B 403 -4.20 -38.57 -5.27
C LEU B 403 -4.77 -39.19 -4.01
N GLU B 404 -4.22 -38.79 -2.85
CA GLU B 404 -4.69 -39.31 -1.58
C GLU B 404 -6.17 -39.00 -1.39
N PHE B 405 -6.59 -37.77 -1.67
CA PHE B 405 -8.00 -37.41 -1.56
C PHE B 405 -8.87 -38.34 -2.41
N THR B 406 -8.51 -38.54 -3.68
CA THR B 406 -9.33 -39.35 -4.58
C THR B 406 -9.41 -40.81 -4.13
N LYS B 407 -8.29 -41.38 -3.68
CA LYS B 407 -8.32 -42.74 -3.15
C LYS B 407 -9.32 -42.88 -2.00
N LYS B 408 -9.20 -42.02 -0.98
CA LYS B 408 -10.08 -42.11 0.18
C LYS B 408 -11.53 -41.81 -0.20
N PHE B 409 -11.76 -40.82 -1.06
CA PHE B 409 -13.12 -40.49 -1.46
C PHE B 409 -13.78 -41.64 -2.21
N SER B 410 -13.06 -42.22 -3.17
CA SER B 410 -13.64 -43.28 -4.00
C SER B 410 -13.94 -44.54 -3.19
N GLU B 411 -13.19 -44.79 -2.12
CA GLU B 411 -13.39 -46.01 -1.34
C GLU B 411 -14.74 -46.07 -0.66
N TRP B 412 -15.52 -45.00 -0.71
CA TRP B 412 -16.86 -44.97 -0.13
C TRP B 412 -17.95 -45.18 -1.16
N GLY B 413 -17.64 -45.88 -2.25
CA GLY B 413 -18.67 -46.17 -3.26
C GLY B 413 -19.07 -44.98 -4.09
N ASN B 414 -18.12 -44.10 -4.41
CA ASN B 414 -18.38 -42.92 -5.22
C ASN B 414 -17.56 -43.00 -6.50
N ASN B 415 -18.16 -42.58 -7.60
CA ASN B 415 -17.47 -42.58 -8.89
C ASN B 415 -16.51 -41.40 -8.96
N ALA B 416 -15.21 -41.70 -8.95
CA ALA B 416 -14.17 -40.69 -9.06
C ALA B 416 -13.43 -40.83 -10.39
N PHE B 417 -13.02 -39.69 -10.95
CA PHE B 417 -12.26 -39.64 -12.18
C PHE B 417 -11.05 -38.74 -11.95
N PHE B 418 -9.88 -39.19 -12.36
CA PHE B 418 -8.64 -38.46 -12.14
C PHE B 418 -7.96 -38.16 -13.48
N TYR B 419 -7.44 -36.95 -13.62
CA TYR B 419 -6.75 -36.53 -14.84
C TYR B 419 -5.37 -35.98 -14.51
N TYR B 420 -4.54 -35.86 -15.55
CA TYR B 420 -3.17 -35.40 -15.43
C TYR B 420 -2.88 -34.53 -16.66
N PHE B 421 -2.78 -33.23 -16.44
CA PHE B 421 -2.70 -32.27 -17.53
C PHE B 421 -1.24 -32.04 -17.89
N GLU B 422 -0.89 -32.28 -19.15
CA GLU B 422 0.50 -32.27 -19.63
C GLU B 422 0.80 -31.24 -20.72
N HIS B 423 -0.18 -30.44 -21.15
CA HIS B 423 0.03 -29.51 -22.27
C HIS B 423 0.51 -28.15 -21.80
N ARG B 424 1.63 -27.70 -22.37
CA ARG B 424 2.14 -26.37 -22.10
C ARG B 424 1.54 -25.40 -23.12
N SER B 425 0.86 -24.37 -22.63
CA SER B 425 0.22 -23.38 -23.49
C SER B 425 1.26 -22.70 -24.37
N SER B 426 0.99 -22.65 -25.67
CA SER B 426 1.93 -22.04 -26.61
C SER B 426 2.11 -20.54 -26.37
N LYS B 427 1.18 -19.91 -25.65
CA LYS B 427 1.23 -18.49 -25.36
C LYS B 427 1.76 -18.18 -23.96
N LEU B 428 2.17 -19.19 -23.19
CA LEU B 428 2.56 -19.01 -21.80
C LEU B 428 3.69 -17.98 -21.69
N PRO B 429 3.50 -16.88 -20.93
CA PRO B 429 4.54 -15.84 -20.85
C PRO B 429 5.75 -16.25 -20.01
N TRP B 430 5.68 -17.35 -19.24
CA TRP B 430 6.74 -17.80 -18.37
C TRP B 430 7.74 -18.66 -19.15
N PRO B 431 8.99 -18.73 -18.71
CA PRO B 431 10.02 -19.46 -19.47
C PRO B 431 9.70 -20.94 -19.65
N GLU B 432 10.48 -21.58 -20.52
CA GLU B 432 10.19 -22.96 -20.91
C GLU B 432 10.48 -23.95 -19.78
N TRP B 433 11.41 -23.62 -18.88
CA TRP B 433 11.77 -24.59 -17.86
C TRP B 433 10.67 -24.79 -16.82
N MET B 434 9.74 -23.83 -16.70
CA MET B 434 8.65 -23.97 -15.74
C MET B 434 7.58 -24.93 -16.22
N GLY B 435 7.55 -25.24 -17.52
CA GLY B 435 6.75 -26.35 -18.00
C GLY B 435 5.25 -26.07 -17.92
N VAL B 436 4.50 -27.07 -17.47
CA VAL B 436 3.04 -26.99 -17.48
C VAL B 436 2.64 -26.48 -16.10
N MET B 437 2.65 -25.16 -15.96
CA MET B 437 2.67 -24.54 -14.64
C MET B 437 1.31 -24.65 -13.95
N HIS B 438 1.37 -24.59 -12.62
CA HIS B 438 0.20 -24.40 -11.78
C HIS B 438 -0.65 -23.26 -12.33
N GLY B 439 -1.93 -23.53 -12.53
CA GLY B 439 -2.87 -22.51 -12.95
C GLY B 439 -3.07 -22.34 -14.44
N TYR B 440 -2.37 -23.10 -15.27
CA TYR B 440 -2.40 -22.84 -16.71
C TYR B 440 -3.13 -23.93 -17.49
N GLU B 441 -4.04 -24.64 -16.82
CA GLU B 441 -5.08 -25.42 -17.50
C GLU B 441 -6.42 -24.70 -17.51
N ILE B 442 -6.51 -23.54 -16.84
CA ILE B 442 -7.80 -22.86 -16.72
C ILE B 442 -8.27 -22.33 -18.07
N GLU B 443 -7.34 -21.83 -18.89
CA GLU B 443 -7.71 -21.33 -20.22
C GLU B 443 -8.37 -22.41 -21.06
N PHE B 444 -7.91 -23.65 -20.93
CA PHE B 444 -8.45 -24.76 -21.70
C PHE B 444 -9.80 -25.23 -21.15
N VAL B 445 -9.97 -25.22 -19.82
CA VAL B 445 -11.26 -25.61 -19.24
C VAL B 445 -12.35 -24.61 -19.60
N PHE B 446 -11.99 -23.33 -19.77
CA PHE B 446 -12.96 -22.27 -20.01
C PHE B 446 -13.14 -21.96 -21.50
N GLY B 447 -12.33 -22.57 -22.36
CA GLY B 447 -12.57 -22.46 -23.79
C GLY B 447 -11.90 -21.28 -24.46
N LEU B 448 -10.89 -20.69 -23.82
CA LEU B 448 -10.21 -19.57 -24.47
C LEU B 448 -9.57 -19.94 -25.81
N PRO B 449 -8.98 -21.13 -26.02
CA PRO B 449 -8.37 -21.42 -27.32
C PRO B 449 -9.38 -21.64 -28.45
N LEU B 450 -10.68 -21.66 -28.15
CA LEU B 450 -11.70 -21.73 -29.19
C LEU B 450 -11.85 -20.41 -29.96
N GLU B 451 -11.27 -19.32 -29.47
CA GLU B 451 -11.24 -18.06 -30.21
C GLU B 451 -10.09 -18.12 -31.20
N ARG B 452 -10.41 -18.27 -32.49
CA ARG B 452 -9.37 -18.49 -33.49
C ARG B 452 -8.60 -17.24 -33.83
N ARG B 453 -9.17 -16.06 -33.62
CA ARG B 453 -8.43 -14.83 -33.77
CA ARG B 453 -8.39 -14.85 -33.79
C ARG B 453 -7.42 -14.63 -32.65
N ASP B 454 -7.37 -15.56 -31.69
CA ASP B 454 -6.41 -15.55 -30.61
C ASP B 454 -5.26 -16.48 -30.98
N ASN B 455 -4.04 -16.07 -30.65
CA ASN B 455 -2.84 -16.72 -31.13
C ASN B 455 -2.61 -18.12 -30.57
N TYR B 456 -3.64 -18.95 -30.54
CA TYR B 456 -3.44 -20.34 -30.13
C TYR B 456 -3.14 -21.20 -31.36
N THR B 457 -2.69 -22.42 -31.09
CA THR B 457 -2.51 -23.38 -32.17
C THR B 457 -3.82 -24.11 -32.43
N LYS B 458 -3.89 -24.73 -33.62
CA LYS B 458 -5.03 -25.57 -33.96
C LYS B 458 -5.18 -26.73 -32.98
N ALA B 459 -4.07 -27.40 -32.64
CA ALA B 459 -4.14 -28.52 -31.68
C ALA B 459 -4.66 -28.05 -30.33
N GLU B 460 -4.29 -26.83 -29.93
CA GLU B 460 -4.79 -26.26 -28.69
C GLU B 460 -6.30 -26.06 -28.73
N GLU B 461 -6.83 -25.58 -29.86
CA GLU B 461 -8.29 -25.50 -30.00
C GLU B 461 -8.95 -26.87 -29.88
N ILE B 462 -8.34 -27.88 -30.53
CA ILE B 462 -8.90 -29.24 -30.46
C ILE B 462 -8.88 -29.74 -29.03
N LEU B 463 -7.76 -29.54 -28.33
CA LEU B 463 -7.64 -29.97 -26.95
C LEU B 463 -8.63 -29.24 -26.05
N SER B 464 -8.73 -27.92 -26.22
CA SER B 464 -9.65 -27.14 -25.39
C SER B 464 -11.09 -27.63 -25.58
N ARG B 465 -11.47 -27.98 -26.81
CA ARG B 465 -12.84 -28.46 -27.06
C ARG B 465 -13.10 -29.80 -26.39
N SER B 466 -12.09 -30.66 -26.30
CA SER B 466 -12.27 -31.95 -25.63
C SER B 466 -12.49 -31.75 -24.14
N ILE B 467 -11.67 -30.91 -23.51
CA ILE B 467 -11.81 -30.67 -22.08
C ILE B 467 -13.13 -29.97 -21.80
N VAL B 468 -13.47 -28.95 -22.59
CA VAL B 468 -14.74 -28.27 -22.42
C VAL B 468 -15.89 -29.26 -22.51
N LYS B 469 -15.84 -30.19 -23.48
CA LYS B 469 -16.88 -31.20 -23.61
C LYS B 469 -16.92 -32.14 -22.41
N ARG B 470 -15.76 -32.72 -22.06
CA ARG B 470 -15.72 -33.66 -20.94
C ARG B 470 -16.22 -33.02 -19.64
N TRP B 471 -15.85 -31.76 -19.39
CA TRP B 471 -16.26 -31.09 -18.16
C TRP B 471 -17.76 -30.89 -18.13
N ALA B 472 -18.34 -30.41 -19.23
CA ALA B 472 -19.78 -30.18 -19.28
C ALA B 472 -20.55 -31.49 -19.19
N ASN B 473 -20.01 -32.57 -19.77
CA ASN B 473 -20.71 -33.84 -19.68
C ASN B 473 -20.70 -34.39 -18.26
N PHE B 474 -19.59 -34.21 -17.53
CA PHE B 474 -19.56 -34.64 -16.14
C PHE B 474 -20.60 -33.90 -15.31
N ALA B 475 -20.82 -32.62 -15.60
CA ALA B 475 -21.84 -31.86 -14.87
C ALA B 475 -23.24 -32.38 -15.19
N LYS B 476 -23.56 -32.52 -16.49
CA LYS B 476 -24.90 -32.94 -16.90
C LYS B 476 -25.20 -34.38 -16.47
N TYR B 477 -24.25 -35.30 -16.66
CA TYR B 477 -24.56 -36.71 -16.55
C TYR B 477 -23.84 -37.43 -15.41
N GLY B 478 -22.72 -36.91 -14.92
CA GLY B 478 -21.92 -37.62 -13.94
C GLY B 478 -20.82 -38.49 -14.52
N ASN B 479 -20.47 -38.31 -15.79
CA ASN B 479 -19.46 -39.08 -16.50
C ASN B 479 -18.74 -38.15 -17.47
N PRO B 480 -17.43 -38.01 -17.38
CA PRO B 480 -16.73 -37.08 -18.28
C PRO B 480 -16.46 -37.64 -19.67
N ASN B 481 -17.46 -38.30 -20.27
CA ASN B 481 -17.29 -38.88 -21.61
C ASN B 481 -17.26 -37.78 -22.67
N GLU B 482 -16.60 -38.07 -23.80
CA GLU B 482 -16.63 -37.17 -24.94
C GLU B 482 -17.45 -37.78 -26.06
N THR B 483 -18.33 -36.97 -26.66
CA THR B 483 -19.28 -37.49 -27.65
C THR B 483 -18.57 -37.95 -28.92
N GLN B 484 -17.44 -37.34 -29.28
CA GLN B 484 -16.75 -37.68 -30.52
C GLN B 484 -16.40 -39.16 -30.55
N ASN B 485 -16.39 -39.73 -31.77
CA ASN B 485 -16.18 -41.16 -31.92
C ASN B 485 -14.75 -41.56 -31.54
N ASN B 486 -13.77 -40.73 -31.90
CA ASN B 486 -12.36 -41.06 -31.71
C ASN B 486 -11.88 -40.87 -30.28
N SER B 487 -12.74 -40.43 -29.36
CA SER B 487 -12.29 -40.06 -28.02
C SER B 487 -12.07 -41.29 -27.15
N THR B 488 -11.04 -41.21 -26.30
CA THR B 488 -10.73 -42.29 -25.36
C THR B 488 -11.74 -42.34 -24.24
N SER B 489 -12.12 -43.55 -23.83
CA SER B 489 -13.08 -43.73 -22.75
C SER B 489 -12.37 -43.51 -21.41
N TRP B 490 -12.99 -42.73 -20.53
CA TRP B 490 -12.36 -42.36 -19.26
C TRP B 490 -12.88 -43.24 -18.12
N PRO B 491 -12.05 -44.07 -17.50
CA PRO B 491 -12.53 -44.99 -16.45
C PRO B 491 -12.51 -44.36 -15.07
N VAL B 492 -13.24 -45.00 -14.15
CA VAL B 492 -13.29 -44.51 -12.78
C VAL B 492 -11.98 -44.82 -12.08
N PHE B 493 -11.61 -43.93 -11.16
CA PHE B 493 -10.47 -44.15 -10.28
C PHE B 493 -10.92 -45.03 -9.13
N LYS B 494 -10.21 -46.12 -8.89
CA LYS B 494 -10.48 -47.03 -7.78
C LYS B 494 -9.17 -47.34 -7.07
N SER B 495 -9.27 -47.71 -5.80
CA SER B 495 -8.09 -47.78 -4.95
C SER B 495 -7.07 -48.81 -5.45
N THR B 496 -7.53 -49.88 -6.09
CA THR B 496 -6.65 -50.97 -6.50
C THR B 496 -5.83 -50.62 -7.73
N GLU B 497 -6.50 -50.27 -8.83
CA GLU B 497 -5.81 -50.08 -10.10
C GLU B 497 -5.39 -48.63 -10.32
N GLN B 498 -6.15 -47.67 -9.75
CA GLN B 498 -5.82 -46.25 -9.73
C GLN B 498 -5.57 -45.70 -11.14
N LYS B 499 -6.60 -45.79 -11.97
CA LYS B 499 -6.48 -45.39 -13.36
C LYS B 499 -6.81 -43.91 -13.50
N TYR B 500 -6.08 -43.23 -14.39
CA TYR B 500 -6.29 -41.82 -14.65
C TYR B 500 -6.06 -41.56 -16.13
N LEU B 501 -6.47 -40.37 -16.58
CA LEU B 501 -6.43 -40.01 -17.99
C LEU B 501 -5.49 -38.83 -18.20
N THR B 502 -4.45 -39.03 -19.00
CA THR B 502 -3.58 -37.91 -19.35
C THR B 502 -4.24 -37.06 -20.43
N LEU B 503 -3.96 -35.76 -20.40
CA LEU B 503 -4.48 -34.79 -21.35
C LEU B 503 -3.32 -34.08 -22.00
N ASN B 504 -3.28 -34.11 -23.34
CA ASN B 504 -2.27 -33.39 -24.13
C ASN B 504 -2.71 -33.48 -25.58
N THR B 505 -1.97 -32.77 -26.45
CA THR B 505 -2.35 -32.73 -27.86
C THR B 505 -2.02 -34.03 -28.58
N GLU B 506 -0.88 -34.65 -28.26
CA GLU B 506 -0.41 -35.83 -28.99
C GLU B 506 -1.43 -36.96 -28.96
N SER B 507 -1.57 -37.63 -27.81
CA SER B 507 -2.50 -38.75 -27.69
C SER B 507 -2.80 -38.96 -26.22
N THR B 508 -4.08 -38.95 -25.85
CA THR B 508 -4.49 -39.08 -24.45
C THR B 508 -4.53 -40.56 -24.08
N ARG B 509 -3.52 -41.01 -23.33
CA ARG B 509 -3.39 -42.38 -22.85
C ARG B 509 -4.22 -42.60 -21.58
N ILE B 510 -4.15 -43.82 -21.04
CA ILE B 510 -4.73 -44.15 -19.75
C ILE B 510 -3.67 -44.88 -18.96
N MET B 511 -3.33 -44.35 -17.80
CA MET B 511 -2.22 -44.85 -16.99
C MET B 511 -2.72 -45.21 -15.59
N THR B 512 -1.78 -45.68 -14.77
CA THR B 512 -2.11 -46.20 -13.46
C THR B 512 -1.11 -45.68 -12.44
N LYS B 513 -1.59 -45.44 -11.23
CA LYS B 513 -0.76 -45.10 -10.07
C LYS B 513 0.22 -43.95 -10.38
N LEU B 514 -0.37 -42.78 -10.59
CA LEU B 514 0.39 -41.58 -10.92
C LEU B 514 1.46 -41.28 -9.87
N ARG B 515 2.72 -41.17 -10.32
CA ARG B 515 3.86 -40.75 -9.48
C ARG B 515 3.94 -41.52 -8.16
N ALA B 516 3.58 -42.80 -8.19
CA ALA B 516 3.39 -43.54 -6.94
C ALA B 516 4.68 -43.61 -6.13
N GLN B 517 5.83 -43.69 -6.81
CA GLN B 517 7.11 -43.84 -6.11
C GLN B 517 7.46 -42.59 -5.32
N GLN B 518 7.21 -41.40 -5.90
CA GLN B 518 7.45 -40.15 -5.17
C GLN B 518 6.48 -40.00 -4.01
N CYS B 519 5.18 -40.16 -4.27
CA CYS B 519 4.18 -39.96 -3.23
C CYS B 519 4.29 -40.96 -2.09
N ARG B 520 5.00 -42.08 -2.28
CA ARG B 520 5.18 -43.00 -1.16
C ARG B 520 6.08 -42.38 -0.09
N PHE B 521 7.03 -41.53 -0.51
CA PHE B 521 7.80 -40.77 0.45
C PHE B 521 6.90 -39.88 1.30
N TRP B 522 6.04 -39.09 0.65
CA TRP B 522 5.31 -38.03 1.34
C TRP B 522 4.22 -38.56 2.25
N THR B 523 3.70 -39.76 2.00
CA THR B 523 2.69 -40.39 2.85
C THR B 523 3.27 -41.32 3.90
N SER B 524 4.27 -42.16 3.58
CA SER B 524 4.74 -43.23 4.45
C SER B 524 6.07 -42.96 5.15
N PHE B 525 6.79 -41.87 4.81
CA PHE B 525 8.06 -41.62 5.48
C PHE B 525 8.22 -40.19 5.99
N PHE B 526 7.83 -39.18 5.22
CA PHE B 526 8.02 -37.79 5.64
C PHE B 526 7.31 -37.40 6.93
N PRO B 527 6.08 -37.90 7.22
CA PRO B 527 5.46 -37.56 8.51
C PRO B 527 6.13 -38.17 9.74
N LYS B 528 7.26 -38.85 9.54
CA LYS B 528 8.01 -39.49 10.62
C LYS B 528 9.36 -38.83 10.88
N VAL B 529 9.62 -37.67 10.27
CA VAL B 529 10.90 -37.00 10.44
C VAL B 529 10.75 -35.81 11.37
C1 NAG C . -13.13 31.29 -16.20
C2 NAG C . -14.19 32.24 -16.73
C3 NAG C . -15.57 31.54 -16.79
C4 NAG C . -15.49 30.11 -17.33
C5 NAG C . -14.23 29.36 -16.90
C6 NAG C . -13.93 28.12 -17.72
C7 NAG C . -14.28 34.67 -16.34
C8 NAG C . -14.19 34.82 -17.83
N2 NAG C . -14.27 33.42 -15.88
O3 NAG C . -16.42 32.33 -17.62
O4 NAG C . -16.65 29.44 -16.84
O5 NAG C . -13.07 30.18 -17.01
O6 NAG C . -12.85 28.35 -18.62
O7 NAG C . -14.35 35.64 -15.58
C1 NAG C . -17.19 28.38 -17.71
C2 NAG C . -18.60 27.97 -17.25
C3 NAG C . -19.12 26.84 -18.17
C4 NAG C . -19.04 27.24 -19.63
C5 NAG C . -17.63 27.72 -19.98
C6 NAG C . -17.52 28.24 -21.40
C7 NAG C . -19.10 28.28 -14.86
C8 NAG C . -19.03 27.67 -13.49
N2 NAG C . -18.60 27.54 -15.86
O3 NAG C . -20.47 26.52 -17.82
O4 NAG C . -19.38 26.13 -20.45
O5 NAG C . -17.22 28.78 -19.11
O6 NAG C . -17.79 29.64 -21.45
O7 NAG C . -19.59 29.39 -15.06
C1 NAG D . -13.01 44.09 -5.03
C2 NAG D . -13.15 45.17 -3.94
C3 NAG D . -14.39 46.02 -4.19
C4 NAG D . -14.39 46.58 -5.60
C5 NAG D . -14.24 45.44 -6.61
C6 NAG D . -14.15 45.91 -8.04
C7 NAG D . -12.62 45.06 -1.53
C8 NAG D . -12.80 44.29 -0.26
N2 NAG D . -13.21 44.55 -2.62
O3 NAG D . -14.43 47.09 -3.25
O4 NAG D . -15.59 47.29 -5.87
O5 NAG D . -13.04 44.71 -6.32
O6 NAG D . -13.48 44.96 -8.84
O7 NAG D . -11.98 46.11 -1.58
C1 FUC D . -14.46 44.81 -9.87
C2 FUC D . -13.86 43.88 -10.94
C3 FUC D . -14.43 42.47 -10.80
C4 FUC D . -15.98 42.53 -10.84
C5 FUC D . -16.51 43.54 -9.80
C6 FUC D . -18.02 43.79 -9.91
O2 FUC D . -12.43 43.84 -10.88
O3 FUC D . -13.98 41.64 -11.87
O4 FUC D . -16.41 42.91 -12.14
O5 FUC D . -15.87 44.82 -9.91
C1 NAG E . -17.67 13.46 1.18
C2 NAG E . -19.19 13.34 1.23
C3 NAG E . -19.63 13.03 2.65
C4 NAG E . -18.97 11.74 3.11
C5 NAG E . -17.44 11.87 3.00
C6 NAG E . -16.71 10.59 3.31
C7 NAG E . -20.36 14.66 -0.48
C8 NAG E . -20.25 13.45 -1.36
N2 NAG E . -19.84 14.56 0.75
O3 NAG E . -21.04 12.91 2.70
O4 NAG E . -19.34 11.44 4.45
O5 NAG E . -17.08 12.23 1.65
O6 NAG E . -15.31 10.81 3.49
O7 NAG E . -20.90 15.70 -0.86
C1 NAG E . -20.02 10.17 4.79
C2 NAG E . -20.87 10.59 6.01
C3 NAG E . -20.67 9.60 7.16
C4 NAG E . -19.20 9.48 7.54
C5 NAG E . -18.33 9.36 6.28
C6 NAG E . -17.30 8.25 6.39
C7 NAG E . -21.37 12.78 7.03
C8 NAG E . -22.78 12.28 7.26
N2 NAG E . -20.53 11.94 6.42
O3 NAG E . -21.18 8.33 6.80
O4 NAG E . -18.78 10.61 8.30
O5 NAG E . -19.16 9.07 5.15
O6 NAG E . -17.19 7.51 5.18
O7 NAG E . -21.02 13.90 7.37
C1 NAG F . 20.29 32.49 29.70
C2 NAG F . 21.35 31.54 30.28
C3 NAG F . 22.53 32.34 30.84
C4 NAG F . 23.06 33.34 29.81
C5 NAG F . 21.91 34.20 29.28
C6 NAG F . 22.32 35.14 28.17
C7 NAG F . 20.18 31.05 32.40
C8 NAG F . 19.68 29.96 33.31
N2 NAG F . 20.78 30.64 31.27
O3 NAG F . 23.55 31.43 31.24
O4 NAG F . 24.06 34.17 30.39
O5 NAG F . 20.89 33.34 28.73
O6 NAG F . 22.86 36.35 28.67
O7 NAG F . 20.05 32.24 32.69
C1 NAG F . 25.46 33.84 30.53
C2 NAG F . 26.35 33.95 29.28
C3 NAG F . 27.30 35.13 29.40
C4 NAG F . 26.64 36.26 30.17
C5 NAG F . 26.39 35.84 31.62
C6 NAG F . 25.19 36.52 32.25
C7 NAG F . 27.45 32.29 27.83
C8 NAG F . 28.21 30.99 27.78
N2 NAG F . 27.08 32.71 29.04
O3 NAG F . 27.72 35.56 28.11
O4 NAG F . 27.49 37.41 30.14
O5 NAG F . 26.16 34.42 31.68
O6 NAG F . 24.81 37.69 31.56
O7 NAG F . 27.18 32.92 26.81
C1 FUC F . 23.42 36.87 27.40
C2 FUC F . 24.26 36.48 26.16
C3 FUC F . 23.46 36.71 24.86
C4 FUC F . 22.79 38.12 24.81
C5 FUC F . 22.05 38.43 26.15
C6 FUC F . 21.57 39.87 26.27
O2 FUC F . 24.75 35.14 26.21
O3 FUC F . 24.34 36.58 23.74
O4 FUC F . 23.75 39.13 24.54
O5 FUC F . 22.89 38.17 27.30
C1 NAG G . -4.25 2.96 -5.42
C2 NAG G . -5.33 2.85 -6.51
C3 NAG G . -6.70 3.10 -5.90
C4 NAG G . -6.96 2.14 -4.74
C5 NAG G . -5.84 2.26 -3.71
C6 NAG G . -5.95 1.24 -2.59
C7 NAG G . -4.44 3.40 -8.73
C8 NAG G . -4.27 4.47 -9.77
N2 NAG G . -5.07 3.77 -7.61
O3 NAG G . -7.71 2.97 -6.91
O4 NAG G . -8.21 2.40 -4.12
O5 NAG G . -4.56 2.05 -4.34
O6 NAG G . -5.23 1.65 -1.43
O7 NAG G . -4.03 2.26 -8.90
C1 NAG G . -9.69 2.06 -4.20
C2 NAG G . -10.72 2.08 -3.05
C3 NAG G . -12.14 2.07 -3.62
C4 NAG G . -12.32 3.22 -4.61
C5 NAG G . -11.27 3.16 -5.71
C6 NAG G . -11.34 4.34 -6.65
C7 NAG G . -9.59 0.94 -1.17
C8 NAG G . -9.54 -0.31 -0.32
N2 NAG G . -10.52 0.96 -2.14
O3 NAG G . -13.10 2.16 -2.58
O4 NAG G . -13.62 3.19 -5.20
O5 NAG G . -9.96 3.16 -5.12
O6 NAG G . -10.70 4.08 -7.90
O7 NAG G . -8.82 1.88 -0.98
C1 NAG H . 5.61 0.48 -18.53
C2 NAG H . 6.34 0.09 -19.84
C3 NAG H . 7.38 1.14 -20.32
C4 NAG H . 8.07 1.94 -19.21
C5 NAG H . 7.35 1.84 -17.88
C6 NAG H . 7.56 3.05 -16.99
C7 NAG H . 6.24 -2.37 -19.93
C8 NAG H . 7.01 -3.65 -19.80
N2 NAG H . 6.93 -1.24 -19.74
O3 NAG H . 6.78 2.03 -21.25
O4 NAG H . 9.44 1.57 -19.06
O5 NAG H . 5.96 1.76 -18.16
O6 NAG H . 7.70 2.67 -15.63
O7 NAG H . 5.04 -2.34 -20.19
C1 NAG H . 10.53 2.59 -19.29
C2 NAG H . 11.95 2.82 -18.74
C3 NAG H . 12.66 3.91 -19.54
C4 NAG H . 12.64 3.58 -21.02
C5 NAG H . 11.21 3.33 -21.49
C6 NAG H . 11.12 2.89 -22.93
C7 NAG H . 12.27 2.33 -16.35
C8 NAG H . 12.74 0.97 -16.79
N2 NAG H . 11.90 3.17 -17.33
O3 NAG H . 14.00 4.04 -19.09
O4 NAG H . 13.23 4.64 -21.77
O5 NAG H . 10.60 2.30 -20.70
O6 NAG H . 9.81 3.11 -23.45
O7 NAG H . 12.24 2.66 -15.17
C1 FUL H . 8.50 2.29 -14.47
C2 FUL H . 8.43 0.93 -13.78
O2 FUL H . 8.93 -0.10 -14.67
C3 FUL H . 9.20 0.90 -12.52
O3 FUL H . 9.03 -0.40 -11.88
C4 FUL H . 8.86 2.05 -11.58
O4 FUL H . 7.55 1.89 -11.03
C5 FUL H . 8.92 3.41 -12.27
C6 FUL H . 8.34 4.46 -11.36
O5 FUL H . 8.16 3.43 -13.54
C1 NAG I . 3.20 -17.63 17.48
C2 NAG I . 4.38 -18.34 16.82
C3 NAG I . 5.68 -17.97 17.53
C4 NAG I . 5.85 -16.45 17.59
C5 NAG I . 4.62 -15.82 18.24
C6 NAG I . 4.66 -14.31 18.25
C7 NAG I . 3.70 -20.47 15.79
C8 NAG I . 3.59 -21.95 15.98
N2 NAG I . 4.20 -19.78 16.82
O3 NAG I . 6.78 -18.55 16.84
O4 NAG I . 7.00 -16.11 18.34
O5 NAG I . 3.44 -16.20 17.51
O6 NAG I . 5.56 -13.79 17.28
O7 NAG I . 3.34 -19.92 14.75
C1 NAG I . 8.36 -15.90 17.87
C2 NAG I . 9.14 -15.11 18.90
C3 NAG I . 10.57 -14.88 18.43
C4 NAG I . 11.23 -16.20 18.03
C5 NAG I . 10.36 -16.98 17.06
C6 NAG I . 10.88 -18.37 16.79
C7 NAG I . 7.80 -13.62 20.33
C8 NAG I . 7.20 -12.25 20.46
N2 NAG I . 8.49 -13.84 19.20
O3 NAG I . 11.31 -14.26 19.47
O4 NAG I . 12.49 -15.94 17.42
O5 NAG I . 9.03 -17.14 17.60
O6 NAG I . 10.40 -18.89 15.57
O7 NAG I . 7.67 -14.47 21.20
C1 FUL I . 6.10 -12.70 16.37
C2 FUL I . 5.10 -11.54 16.48
O2 FUL I . 5.07 -11.12 17.86
C3 FUL I . 5.38 -10.35 15.64
O3 FUL I . 4.18 -9.52 15.57
C4 FUL I . 5.81 -10.69 14.24
O4 FUL I . 4.71 -11.30 13.56
C5 FUL I . 6.99 -11.67 14.25
C6 FUL I . 7.37 -12.00 12.83
O5 FUL I . 6.67 -12.91 14.98
C1 NAG J . -14.12 -6.52 27.29
C2 NAG J . -15.43 -6.57 28.07
C3 NAG J . -16.19 -5.25 27.91
C4 NAG J . -15.29 -4.08 28.32
C5 NAG J . -13.98 -4.12 27.53
C6 NAG J . -13.00 -3.05 27.93
C7 NAG J . -15.97 -8.97 27.92
C8 NAG J . -16.92 -10.00 27.40
N2 NAG J . -16.26 -7.69 27.63
O3 NAG J . -17.37 -5.28 28.72
O4 NAG J . -15.96 -2.85 28.11
O5 NAG J . -13.33 -5.39 27.74
O6 NAG J . -11.88 -3.55 28.65
O7 NAG J . -14.98 -9.29 28.59
C1 NAG J . -15.93 -2.10 29.37
C2 NAG J . -15.74 -0.61 29.12
C3 NAG J . -15.68 0.14 30.45
C4 NAG J . -16.92 -0.18 31.29
C5 NAG J . -17.11 -1.69 31.42
C6 NAG J . -18.42 -2.07 32.10
C7 NAG J . -14.61 0.04 27.03
C8 NAG J . -13.29 0.31 26.37
N2 NAG J . -14.56 -0.32 28.33
O3 NAG J . -15.59 1.54 30.22
O4 NAG J . -16.78 0.37 32.60
O5 NAG J . -17.14 -2.32 30.12
O6 NAG J . -18.26 -3.20 32.93
O7 NAG J . -15.67 0.14 26.45
C1 FUL J . -11.75 -2.80 29.89
C2 FUL J . -10.67 -1.72 29.80
O2 FUL J . -10.85 -0.88 28.64
C3 FUL J . -10.69 -0.90 31.03
O3 FUL J . -9.63 0.12 30.94
C4 FUL J . -10.48 -1.70 32.29
O4 FUL J . -9.11 -2.09 32.43
C5 FUL J . -11.37 -2.95 32.34
C6 FUL J . -10.84 -3.89 33.38
O5 FUL J . -11.45 -3.68 31.06
C1 NAG K . -2.34 -12.15 -30.70
C2 NAG K . -2.93 -11.12 -29.74
C3 NAG K . -3.04 -9.76 -30.44
C4 NAG K . -1.68 -9.33 -30.99
C5 NAG K . -1.02 -10.45 -31.82
C6 NAG K . 0.44 -10.17 -32.13
C7 NAG K . -4.48 -11.79 -27.94
C8 NAG K . -5.88 -12.17 -27.59
N2 NAG K . -4.24 -11.53 -29.23
O3 NAG K . -3.53 -8.80 -29.52
O4 NAG K . -1.87 -8.19 -31.82
O5 NAG K . -1.05 -11.71 -31.14
O6 NAG K . 1.27 -11.28 -31.87
O7 NAG K . -3.58 -11.74 -27.09
C1 NAG K . -1.28 -6.93 -31.39
C2 NAG K . -1.89 -5.87 -32.33
C3 NAG K . -1.38 -4.46 -31.99
C4 NAG K . -1.57 -4.17 -30.50
C5 NAG K . -0.95 -5.28 -29.66
C6 NAG K . -1.21 -5.10 -28.18
C7 NAG K . -0.61 -6.33 -34.48
C8 NAG K . 0.71 -6.12 -33.79
N2 NAG K . -1.74 -6.18 -33.76
O3 NAG K . -2.11 -3.50 -32.76
O4 NAG K . -0.98 -2.92 -30.17
O5 NAG K . -1.50 -6.55 -30.02
O6 NAG K . -0.83 -6.24 -27.43
O7 NAG K . -0.66 -6.60 -35.67
C1 FUL K . 2.36 -10.98 -30.95
C2 FUL K . 1.86 -10.23 -29.71
O2 FUL K . 1.03 -11.13 -28.93
C3 FUL K . 2.92 -9.73 -28.80
O3 FUL K . 2.35 -8.77 -27.86
C4 FUL K . 4.06 -9.05 -29.50
O4 FUL K . 3.65 -7.76 -29.94
C5 FUL K . 4.56 -9.87 -30.70
C6 FUL K . 5.61 -9.07 -31.42
O5 FUL K . 3.47 -10.19 -31.62
C1 NAG L . 36.75 29.49 -2.77
C2 NAG L . 38.10 28.97 -2.26
C3 NAG L . 38.22 29.17 -0.76
C4 NAG L . 38.14 30.66 -0.43
C5 NAG L . 36.92 31.30 -1.08
C6 NAG L . 37.28 32.35 -2.11
C7 NAG L . 39.32 27.09 -3.28
C8 NAG L . 40.37 28.08 -3.66
N2 NAG L . 38.27 27.56 -2.62
O3 NAG L . 39.46 28.65 -0.31
O4 NAG L . 38.08 30.83 0.99
O5 NAG L . 36.11 30.31 -1.74
O6 NAG L . 36.22 33.25 -2.37
O7 NAG L . 39.42 25.90 -3.58
C1 EDO M . 14.73 26.29 -9.34
O1 EDO M . 15.63 25.25 -9.76
C2 EDO M . 14.28 27.09 -10.56
O2 EDO M . 13.22 27.98 -10.18
C1 EDO N . 8.11 -5.64 11.83
O1 EDO N . 7.71 -5.06 13.09
C2 EDO N . 7.54 -7.06 11.68
O2 EDO N . 8.42 -7.86 10.88
C1 EDO O . 16.56 29.93 7.18
O1 EDO O . 16.69 30.38 8.54
C2 EDO O . 17.33 30.85 6.23
O2 EDO O . 18.41 30.16 5.57
C1 EDO P . -12.11 30.41 11.45
O1 EDO P . -12.28 29.61 12.64
C2 EDO P . -12.75 31.77 11.67
O2 EDO P . -11.75 32.75 12.01
CL CL Q . 33.86 18.62 -8.01
C1 EDO R . -11.20 11.09 -1.89
O1 EDO R . -11.10 9.73 -1.41
C2 EDO R . -12.65 11.57 -1.92
O2 EDO R . -13.15 11.80 -0.58
CL CL S . 13.47 26.22 3.53
C1 EDO T . 18.09 10.61 17.08
O1 EDO T . 16.77 11.12 16.90
C2 EDO T . 18.74 10.31 15.74
O2 EDO T . 19.01 11.50 14.99
C1 NAG U . -30.07 -9.79 -28.28
C2 NAG U . -31.19 -10.74 -28.74
C3 NAG U . -32.28 -10.87 -27.66
C4 NAG U . -32.26 -9.66 -26.72
C5 NAG U . -31.96 -8.40 -27.50
C6 NAG U . -32.06 -7.14 -26.66
C7 NAG U . -32.14 -11.17 -30.97
C8 NAG U . -31.89 -12.63 -30.70
N2 NAG U . -31.77 -10.32 -30.00
O3 NAG U . -32.07 -12.08 -26.94
O4 NAG U . -33.54 -9.55 -26.09
O5 NAG U . -30.62 -8.45 -28.01
O6 NAG U . -33.36 -6.96 -26.12
O7 NAG U . -32.64 -10.77 -32.03
C1 NAG V . -29.36 0.28 -17.42
C2 NAG V . -29.15 1.77 -17.17
C3 NAG V . -29.55 2.58 -18.40
C4 NAG V . -28.78 2.08 -19.63
C5 NAG V . -28.98 0.58 -19.82
C6 NAG V . -28.14 -0.01 -20.93
C7 NAG V . -29.34 2.61 -14.86
C8 NAG V . -27.84 2.58 -14.81
N2 NAG V . -29.90 2.22 -16.00
O3 NAG V . -29.28 3.95 -18.17
O4 NAG V . -29.22 2.76 -20.79
O5 NAG V . -28.63 -0.12 -18.61
O6 NAG V . -27.47 0.98 -21.72
O7 NAG V . -30.01 2.97 -13.88
C1 NAG W . -35.39 -30.62 -14.49
C2 NAG W . -35.03 -31.55 -13.32
C3 NAG W . -36.27 -32.28 -12.81
C4 NAG W . -37.35 -31.27 -12.46
C5 NAG W . -37.63 -30.36 -13.65
C6 NAG W . -38.61 -29.25 -13.34
C7 NAG W . -33.93 -33.26 -14.78
C8 NAG W . -32.72 -34.14 -14.92
N2 NAG W . -33.97 -32.50 -13.67
O3 NAG W . -35.94 -33.04 -11.65
O4 NAG W . -38.54 -31.94 -12.03
O5 NAG W . -36.43 -29.72 -14.09
O6 NAG W . -39.71 -29.71 -12.57
O7 NAG W . -34.82 -33.24 -15.61
C1 NAG X . 19.66 -16.23 -12.78
C2 NAG X . 21.05 -16.58 -12.25
C3 NAG X . 21.11 -16.38 -10.73
C4 NAG X . 20.64 -14.98 -10.35
C5 NAG X . 19.26 -14.70 -10.94
C6 NAG X . 18.77 -13.29 -10.69
C7 NAG X . 21.86 -18.32 -13.79
C8 NAG X . 22.18 -19.78 -13.95
N2 NAG X . 21.41 -17.95 -12.58
O3 NAG X . 22.43 -16.61 -10.27
O4 NAG X . 20.60 -14.86 -8.93
O5 NAG X . 19.30 -14.89 -12.37
O6 NAG X . 19.28 -12.37 -11.65
O7 NAG X . 22.00 -17.53 -14.70
C1 NAG Y . -22.24 -40.14 -22.67
C2 NAG Y . -22.73 -41.24 -23.62
C3 NAG Y . -24.24 -41.14 -23.82
C4 NAG Y . -24.95 -41.13 -22.47
C5 NAG Y . -24.46 -39.94 -21.64
C6 NAG Y . -24.02 -40.31 -20.24
C7 NAG Y . -20.86 -41.77 -25.15
C8 NAG Y . -20.29 -41.58 -26.52
N2 NAG Y . -22.03 -41.16 -24.90
O3 NAG Y . -24.69 -42.26 -24.58
O4 NAG Y . -26.36 -41.01 -22.67
O5 NAG Y . -23.36 -39.28 -22.29
O6 NAG Y . -23.70 -41.70 -20.11
O7 NAG Y . -20.29 -42.45 -24.30
C1 PEG Z . -4.33 -15.20 -20.56
O1 PEG Z . -4.77 -14.00 -21.11
C2 PEG Z . -2.96 -15.56 -21.13
O2 PEG Z . -2.55 -16.81 -20.62
C3 PEG Z . -1.18 -17.08 -20.81
C4 PEG Z . -1.01 -18.38 -21.61
O4 PEG Z . -1.80 -18.34 -22.77
C1 EDO AA . 14.72 -42.34 0.98
O1 EDO AA . 14.44 -42.11 -0.40
C2 EDO AA . 14.95 -41.04 1.74
O2 EDO AA . 15.26 -41.35 3.11
C1 EDO BA . 4.40 -25.05 2.00
O1 EDO BA . 3.37 -25.89 2.54
C2 EDO BA . 5.55 -25.89 1.43
O2 EDO BA . 6.60 -25.00 0.98
C1 EDO CA . -22.15 -9.38 6.61
O1 EDO CA . -20.78 -9.45 7.04
C2 EDO CA . -22.25 -8.95 5.15
O2 EDO CA . -23.62 -9.01 4.72
CL CL DA . -1.09 -23.18 6.91
C6 KJT EA . -1.17 -22.65 -2.42
C7 KJT EA . -1.65 -22.31 -3.69
C22 KJT EA . 2.39 -17.43 -11.58
C20 KJT EA . 0.66 -19.11 -11.49
C5 KJT EA . -0.71 -21.67 -1.55
C8 KJT EA . -1.65 -20.99 -4.10
C23 KJT EA . 1.96 -16.88 -10.37
C19 KJT EA . 0.22 -18.57 -10.28
C10 KJT EA . -1.20 -18.66 -3.66
C4 KJT EA . -0.71 -20.34 -1.95
C18 KJT EA . 0.87 -17.45 -9.72
C21 KJT EA . 1.75 -18.53 -12.13
C2 KJT EA . -0.27 -18.02 -1.50
C9 KJT EA . -1.19 -20.00 -3.23
C1 KJT EA . -0.74 -17.69 -2.78
C14 KJT EA . 3.14 -17.86 -6.02
C13 KJT EA . 3.09 -16.52 -5.25
C15 KJT EA . 1.92 -18.04 -6.95
C16 KJT EA . 1.17 -15.73 -6.57
C12 KJT EA . 1.64 -16.09 -5.18
C17 KJT EA . 0.43 -16.91 -8.51
C11 KJT EA . 1.43 -14.90 -4.23
C3 KJT EA . -0.24 -19.35 -1.08
N2 KJT EA . 1.55 -16.75 -7.57
N1 KJT EA . 0.86 -15.39 -2.96
O2 KJT EA . -1.32 -15.81 -4.61
O1 KJT EA . -1.63 -15.35 -2.11
S1 KJT EA . -0.73 -16.01 -3.19
C24 KJT EA . 0.81 -14.37 -1.88
CL CL FA . -4.18 -19.22 -8.89
CL CL GA . -12.20 1.57 7.46
C1 PGE HA . 10.75 -27.69 -11.70
O1 PGE HA . 12.05 -27.18 -11.96
C2 PGE HA . 10.61 -29.20 -11.74
O2 PGE HA . 9.38 -29.71 -12.28
C3 PGE HA . 8.22 -29.15 -11.69
C4 PGE HA . 7.18 -30.22 -11.47
O4 PGE HA . 5.81 -32.95 -9.58
C6 PGE HA . 5.07 -31.84 -10.08
C5 PGE HA . 5.72 -30.54 -9.65
O3 PGE HA . 6.09 -29.69 -10.72
#